data_7N2M
#
_entry.id   7N2M
#
_cell.length_a   140.285
_cell.length_b   140.285
_cell.length_c   181.066
_cell.angle_alpha   90.000
_cell.angle_beta   90.000
_cell.angle_gamma   120.000
#
_symmetry.space_group_name_H-M   'P 32 2 1'
#
loop_
_entity.id
_entity.type
_entity.pdbx_description
1 polymer 'DNA polymerase alpha catalytic subunit'
2 polymer "RNA (5'-R(*GP*CP*CP*UP*GP*GP*AP*GP*CP*GP*C)-3')"
3 polymer "DNA (5'-D(*AP*T*AP*GP*TP*CP*GP*CP*TP*CP*CP*AP*GP*GP*C)-3')"
4 non-polymer "2'-DEOXYCYTIDINE-5'-TRIPHOSPHATE"
5 non-polymer 'MAGNESIUM ION'
6 non-polymer 'ZINC ION'
7 non-polymer 'POTASSIUM ION'
8 non-polymer 'PENTAETHYLENE GLYCOL'
9 non-polymer 'SULFATE ION'
10 water water
#
loop_
_entity_poly.entity_id
_entity_poly.type
_entity_poly.pdbx_seq_one_letter_code
_entity_poly.pdbx_strand_id
1 'polypeptide(L)'
;DEEQVFHFYWLDAYEDQYNQPGVVFLFGKVWIESAETHVSCCVMVKNIERTLYFLPREMKIDLNTGKETGTPISMKDVYE
EFDEKIATKYKIMKFKSKPVEKNYAFEIPDVPEKSEYLEVKYSAEMPQLPQDLKGETFSHVFGTNTSSLELFLMNRKIKG
PCWLEVKSPQLLNQPVSWCKAEAMALKPDLVNVIKDVSPPPLVVMAFSMKTMQNAKNHQNEIIAMAALVHHSFALDKAAP
KPPFQSHFCVVSKPKDCIFPYAFKEVIEKKNVKVEVAATERTLLGFFLAKVHKIDPDIIVGHNIYGFELEVLLQRINVCK
APHWSKIGRLKRSNMPKLGGRSGFGERNATCGRMICDVEISAKELIRCKSYHLSELVQQILKTERVVIPMENIQNMYSES
SQLLYLLEHTWKDAKFILQIMCELNVLPLALQITNIAGNIMSRTLMGGRSERNEFLLLHAFYENNYIVPDKQIFRKPQQK
LGDEDEEIDGDTNKYKKGRKKAAYAGGLVLDPKVGFYDKFILLLDFNSLYPSIIQEFNICFTTVQRVASEAQKVTEDGEQ
EQIPELPDPSLEMGILPREIRKLVERRKQVKQLMKQQDLNPDLILQYDIRQKALKLTANSMYGCLGFSYSRFYAKPLAAL
VTYKGREILMHTKEMVQKMNLEVIYGDTDSIMINTNSTNLEEVFKLGNKVKSEVNKLYKLLEIDIDGVFKSLLLLKKKKY
AALVVEPTSDGNYVTKQELKGLDIVRRDWCDLAKDTGNFVIGQILSDQSRDTIVENIQKRLIEIGENVLNGSVPVSQFEI
NKALTKDPQDYPDKKSLPHVHVALWINSQGGRKVKAGDTVSYVICQDGSNLTASQRAYAPEQLQKQDNLTIDTQYYLAQQ
IHPVVARICEPIDGIDAVLIATWLGLDPTQFRVHHYHKDEEN
;
A
2 'polyribonucleotide' GCCUGGAGCGC B
3 'polydeoxyribonucleotide' (DA)(DT)(DA)(DG)(DT)(DC)(DG)(DC)(DT)(DC)(DC)(DA)(DG)(DG)(DC) C
#
loop_
_chem_comp.id
_chem_comp.type
_chem_comp.name
_chem_comp.formula
1PE non-polymer 'PENTAETHYLENE GLYCOL' 'C10 H22 O6'
A RNA linking ADENOSINE-5'-MONOPHOSPHATE 'C10 H14 N5 O7 P'
C RNA linking CYTIDINE-5'-MONOPHOSPHATE 'C9 H14 N3 O8 P'
DA DNA linking 2'-DEOXYADENOSINE-5'-MONOPHOSPHATE 'C10 H14 N5 O6 P'
DC DNA linking 2'-DEOXYCYTIDINE-5'-MONOPHOSPHATE 'C9 H14 N3 O7 P'
DCP non-polymer 2'-DEOXYCYTIDINE-5'-TRIPHOSPHATE 'C9 H16 N3 O13 P3'
DG DNA linking 2'-DEOXYGUANOSINE-5'-MONOPHOSPHATE 'C10 H14 N5 O7 P'
DT DNA linking THYMIDINE-5'-MONOPHOSPHATE 'C10 H15 N2 O8 P'
G RNA linking GUANOSINE-5'-MONOPHOSPHATE 'C10 H14 N5 O8 P'
K non-polymer 'POTASSIUM ION' 'K 1'
MG non-polymer 'MAGNESIUM ION' 'Mg 2'
SO4 non-polymer 'SULFATE ION' 'O4 S -2'
U RNA linking URIDINE-5'-MONOPHOSPHATE 'C9 H13 N2 O9 P'
ZN non-polymer 'ZINC ION' 'Zn 2'
#
# COMPACT_ATOMS: atom_id res chain seq x y z
N GLU A 3 40.32 -7.18 19.65
CA GLU A 3 39.24 -7.73 18.77
C GLU A 3 39.43 -7.37 17.31
N GLN A 4 38.35 -6.85 16.71
CA GLN A 4 38.31 -6.43 15.31
C GLN A 4 36.84 -6.16 14.92
N VAL A 5 36.56 -5.02 14.30
CA VAL A 5 35.17 -4.72 13.97
C VAL A 5 34.91 -3.90 12.73
N PHE A 6 33.80 -4.17 12.05
CA PHE A 6 33.48 -3.38 10.88
C PHE A 6 32.05 -2.86 10.83
N HIS A 7 31.93 -1.60 10.38
CA HIS A 7 30.65 -0.92 10.27
C HIS A 7 29.96 -1.24 8.97
N PHE A 8 28.65 -1.46 9.06
CA PHE A 8 27.84 -1.88 7.92
C PHE A 8 26.42 -1.32 8.05
N TYR A 9 25.90 -0.76 6.95
CA TYR A 9 24.54 -0.19 6.94
C TYR A 9 23.64 -1.14 6.19
N TRP A 10 22.71 -1.78 6.91
CA TRP A 10 21.85 -2.76 6.28
C TRP A 10 20.58 -2.19 5.65
N LEU A 11 20.08 -2.87 4.62
CA LEU A 11 18.89 -2.43 3.92
C LEU A 11 17.94 -3.60 3.65
N ASP A 12 18.47 -4.76 3.35
CA ASP A 12 17.61 -5.89 3.07
C ASP A 12 18.08 -7.11 3.83
N ALA A 13 17.15 -8.03 4.09
CA ALA A 13 17.45 -9.26 4.80
C ALA A 13 16.84 -10.42 4.04
N TYR A 14 17.34 -11.61 4.27
CA TYR A 14 16.81 -12.76 3.59
C TYR A 14 17.19 -14.05 4.30
N GLU A 15 16.30 -15.04 4.25
CA GLU A 15 16.59 -16.32 4.87
C GLU A 15 16.03 -17.43 4.03
N ASP A 16 16.66 -18.59 4.09
CA ASP A 16 16.21 -19.76 3.34
C ASP A 16 16.18 -20.84 4.40
N GLN A 17 15.11 -20.84 5.17
CA GLN A 17 14.91 -21.77 6.27
C GLN A 17 15.04 -23.24 5.91
N TYR A 18 14.76 -23.59 4.66
CA TYR A 18 14.84 -24.97 4.23
C TYR A 18 16.26 -25.42 3.96
N ASN A 19 16.98 -24.66 3.16
CA ASN A 19 18.35 -25.03 2.82
C ASN A 19 19.41 -24.58 3.81
N GLN A 20 19.23 -23.43 4.43
CA GLN A 20 20.21 -22.93 5.39
C GLN A 20 19.61 -22.44 6.70
N PRO A 21 18.95 -23.33 7.44
CA PRO A 21 18.34 -22.96 8.72
C PRO A 21 19.32 -22.26 9.64
N GLY A 22 18.79 -21.34 10.45
CA GLY A 22 19.62 -20.64 11.42
C GLY A 22 20.49 -19.55 10.83
N VAL A 23 20.50 -19.44 9.50
CA VAL A 23 21.27 -18.43 8.79
C VAL A 23 20.42 -17.29 8.21
N VAL A 24 20.89 -16.06 8.39
CA VAL A 24 20.20 -14.89 7.86
C VAL A 24 21.18 -14.04 7.04
N PHE A 25 20.84 -13.78 5.78
CA PHE A 25 21.71 -12.95 4.95
C PHE A 25 21.29 -11.49 5.01
N LEU A 26 22.25 -10.60 5.32
CA LEU A 26 21.95 -9.17 5.34
C LEU A 26 22.63 -8.51 4.13
N PHE A 27 22.02 -7.47 3.58
CA PHE A 27 22.61 -6.76 2.44
C PHE A 27 22.63 -5.28 2.76
N GLY A 28 23.71 -4.60 2.38
CA GLY A 28 23.78 -3.18 2.68
C GLY A 28 24.96 -2.45 2.08
N LYS A 29 25.54 -1.53 2.84
CA LYS A 29 26.66 -0.72 2.36
C LYS A 29 27.85 -0.66 3.32
N VAL A 30 29.05 -0.56 2.77
CA VAL A 30 30.26 -0.39 3.58
C VAL A 30 31.08 0.68 2.89
N TRP A 31 31.74 1.50 3.69
CA TRP A 31 32.60 2.58 3.19
C TRP A 31 33.96 2.03 2.84
N ILE A 32 34.45 2.35 1.66
CA ILE A 32 35.77 1.92 1.24
C ILE A 32 36.56 3.22 1.18
N GLU A 33 37.41 3.50 2.17
CA GLU A 33 38.15 4.76 2.16
C GLU A 33 39.01 4.94 0.92
N SER A 34 39.81 3.92 0.59
CA SER A 34 40.67 3.96 -0.59
C SER A 34 39.91 4.39 -1.85
N ALA A 35 38.65 3.98 -1.97
CA ALA A 35 37.83 4.34 -3.13
C ALA A 35 36.87 5.50 -2.84
N GLU A 36 36.98 6.08 -1.65
CA GLU A 36 36.12 7.20 -1.23
C GLU A 36 34.68 7.07 -1.70
N THR A 37 34.07 5.92 -1.45
CA THR A 37 32.71 5.67 -1.89
C THR A 37 32.16 4.46 -1.17
N HIS A 38 30.83 4.32 -1.09
CA HIS A 38 30.22 3.16 -0.44
C HIS A 38 30.00 2.04 -1.46
N VAL A 39 30.26 0.80 -1.08
CA VAL A 39 30.03 -0.29 -2.02
C VAL A 39 29.03 -1.25 -1.37
N SER A 40 28.53 -2.21 -2.13
CA SER A 40 27.55 -3.14 -1.58
C SER A 40 28.26 -4.15 -0.70
N CYS A 41 27.57 -4.64 0.31
CA CYS A 41 28.21 -5.60 1.19
C CYS A 41 27.21 -6.63 1.63
N CYS A 42 27.66 -7.87 1.77
CA CYS A 42 26.78 -8.93 2.23
C CYS A 42 27.32 -9.56 3.49
N VAL A 43 26.52 -9.52 4.55
CA VAL A 43 26.90 -10.10 5.82
C VAL A 43 26.02 -11.31 6.07
N MET A 44 26.66 -12.47 6.19
CA MET A 44 25.97 -13.73 6.45
C MET A 44 26.05 -14.00 7.94
N VAL A 45 24.90 -13.98 8.62
CA VAL A 45 24.86 -14.22 10.06
C VAL A 45 24.43 -15.65 10.30
N LYS A 46 25.26 -16.41 11.01
CA LYS A 46 24.95 -17.82 11.26
C LYS A 46 24.65 -18.14 12.72
N ASN A 47 24.18 -19.36 12.93
CA ASN A 47 23.84 -19.90 14.23
C ASN A 47 22.88 -19.09 15.07
N ILE A 48 21.77 -18.70 14.43
CA ILE A 48 20.70 -17.97 15.09
C ILE A 48 19.91 -19.15 15.65
N GLU A 49 19.91 -19.26 16.97
CA GLU A 49 19.25 -20.37 17.65
C GLU A 49 17.74 -20.27 17.90
N ARG A 50 17.06 -21.42 17.81
CA ARG A 50 15.63 -21.48 18.10
C ARG A 50 15.55 -21.12 19.57
N THR A 51 14.51 -20.40 19.97
CA THR A 51 14.34 -20.04 21.36
C THR A 51 12.95 -20.44 21.81
N LEU A 52 12.85 -21.40 22.72
CA LEU A 52 11.54 -21.87 23.20
C LEU A 52 11.33 -21.56 24.67
N TYR A 53 10.07 -21.33 25.05
CA TYR A 53 9.77 -21.08 26.44
C TYR A 53 8.79 -22.17 26.89
N PHE A 54 9.17 -22.90 27.93
CA PHE A 54 8.33 -23.96 28.44
C PHE A 54 7.60 -23.46 29.66
N LEU A 55 6.28 -23.64 29.67
CA LEU A 55 5.44 -23.22 30.78
C LEU A 55 5.25 -24.38 31.77
N PRO A 56 5.76 -24.22 33.00
CA PRO A 56 5.63 -25.28 34.01
C PRO A 56 4.23 -25.45 34.60
N ARG A 57 3.85 -26.71 34.85
CA ARG A 57 2.55 -27.04 35.45
C ARG A 57 2.65 -26.74 36.92
N GLU A 58 1.50 -26.60 37.58
CA GLU A 58 1.46 -26.32 39.02
C GLU A 58 1.83 -27.61 39.77
N MET A 59 1.18 -28.70 39.39
CA MET A 59 1.41 -30.00 39.99
C MET A 59 1.83 -30.96 38.88
N LYS A 60 2.79 -31.84 39.17
CA LYS A 60 3.28 -32.80 38.18
C LYS A 60 2.15 -33.70 37.68
N ILE A 61 2.32 -34.27 36.49
CA ILE A 61 1.31 -35.14 35.89
C ILE A 61 1.97 -36.40 35.31
N ASP A 62 1.26 -37.52 35.36
CA ASP A 62 1.77 -38.77 34.81
C ASP A 62 1.13 -38.91 33.45
N LEU A 63 1.95 -39.01 32.41
CA LEU A 63 1.42 -39.09 31.06
C LEU A 63 0.88 -40.44 30.62
N ASN A 64 1.00 -41.45 31.47
CA ASN A 64 0.48 -42.76 31.08
C ASN A 64 -0.87 -42.99 31.71
N THR A 65 -1.13 -42.34 32.84
CA THR A 65 -2.40 -42.46 33.54
C THR A 65 -3.24 -41.21 33.29
N GLY A 66 -2.56 -40.07 33.23
CA GLY A 66 -3.24 -38.83 33.01
C GLY A 66 -3.79 -38.24 34.30
N LYS A 67 -3.12 -38.52 35.40
CA LYS A 67 -3.55 -38.02 36.71
C LYS A 67 -2.39 -37.29 37.37
N GLU A 68 -2.69 -36.47 38.37
CA GLU A 68 -1.62 -35.76 39.06
C GLU A 68 -0.81 -36.73 39.92
N THR A 69 0.18 -36.22 40.64
CA THR A 69 0.98 -37.12 41.49
C THR A 69 1.16 -36.52 42.88
N GLY A 70 0.82 -35.25 43.03
CA GLY A 70 0.94 -34.59 44.32
C GLY A 70 2.19 -33.76 44.47
N THR A 71 3.23 -34.14 43.75
CA THR A 71 4.49 -33.40 43.81
C THR A 71 4.41 -32.13 42.96
N PRO A 72 4.74 -30.98 43.57
CA PRO A 72 4.71 -29.68 42.88
C PRO A 72 5.81 -29.63 41.83
N ILE A 73 5.91 -28.51 41.12
CA ILE A 73 6.93 -28.36 40.08
C ILE A 73 7.93 -27.27 40.45
N SER A 74 9.14 -27.40 39.89
CA SER A 74 10.23 -26.44 40.09
C SER A 74 10.96 -26.39 38.77
N MET A 75 11.68 -25.30 38.50
CA MET A 75 12.40 -25.21 37.25
C MET A 75 13.29 -26.43 37.01
N LYS A 76 13.88 -26.96 38.08
CA LYS A 76 14.76 -28.12 37.94
C LYS A 76 13.97 -29.29 37.39
N ASP A 77 12.71 -29.38 37.80
CA ASP A 77 11.81 -30.44 37.36
C ASP A 77 11.66 -30.42 35.85
N VAL A 78 11.38 -29.21 35.35
CA VAL A 78 11.18 -29.00 33.93
C VAL A 78 12.48 -29.22 33.15
N TYR A 79 13.56 -28.63 33.66
CA TYR A 79 14.85 -28.77 33.02
C TYR A 79 15.18 -30.25 32.80
N GLU A 80 15.10 -31.02 33.88
CA GLU A 80 15.38 -32.45 33.83
C GLU A 80 14.49 -33.15 32.82
N GLU A 81 13.19 -32.88 32.86
CA GLU A 81 12.32 -33.54 31.89
C GLU A 81 12.74 -33.26 30.47
N PHE A 82 13.04 -32.01 30.18
CA PHE A 82 13.44 -31.66 28.82
C PHE A 82 14.69 -32.43 28.46
N ASP A 83 15.65 -32.37 29.37
CA ASP A 83 16.95 -33.00 29.24
C ASP A 83 16.90 -34.51 29.08
N GLU A 84 16.09 -35.16 29.91
CA GLU A 84 15.95 -36.60 29.88
C GLU A 84 14.93 -37.16 28.89
N LYS A 85 13.70 -36.68 28.93
CA LYS A 85 12.68 -37.19 28.02
C LYS A 85 12.51 -36.47 26.68
N ILE A 86 12.30 -35.15 26.72
CA ILE A 86 12.08 -34.38 25.50
C ILE A 86 13.26 -34.34 24.52
N ALA A 87 14.40 -33.83 24.99
CA ALA A 87 15.58 -33.74 24.15
C ALA A 87 15.91 -35.06 23.47
N THR A 88 16.02 -36.11 24.28
CA THR A 88 16.34 -37.47 23.82
C THR A 88 15.32 -38.05 22.86
N LYS A 89 14.04 -37.89 23.19
CA LYS A 89 12.99 -38.41 22.34
C LYS A 89 12.96 -37.74 20.98
N TYR A 90 13.21 -36.43 20.98
CA TYR A 90 13.15 -35.64 19.75
C TYR A 90 14.45 -35.42 18.95
N LYS A 91 15.57 -35.92 19.48
CA LYS A 91 16.86 -35.83 18.82
C LYS A 91 17.57 -34.49 18.94
N ILE A 92 17.60 -33.95 20.14
CA ILE A 92 18.25 -32.69 20.38
C ILE A 92 19.58 -32.93 21.12
N MET A 93 20.65 -33.08 20.34
CA MET A 93 21.98 -33.35 20.88
C MET A 93 22.44 -32.35 21.95
N LYS A 94 22.57 -31.08 21.59
CA LYS A 94 23.01 -30.07 22.56
C LYS A 94 21.92 -29.04 22.73
N PHE A 95 22.02 -28.24 23.77
CA PHE A 95 21.07 -27.19 24.03
C PHE A 95 21.51 -26.45 25.28
N LYS A 96 21.00 -25.25 25.48
CA LYS A 96 21.31 -24.46 26.67
C LYS A 96 19.96 -24.00 27.18
N SER A 97 19.85 -23.75 28.48
CA SER A 97 18.57 -23.35 29.05
C SER A 97 18.74 -22.47 30.27
N LYS A 98 17.65 -21.85 30.69
CA LYS A 98 17.70 -20.96 31.82
C LYS A 98 16.30 -20.51 32.22
N PRO A 99 16.09 -20.28 33.51
CA PRO A 99 14.80 -19.83 34.01
C PRO A 99 14.65 -18.32 33.84
N VAL A 100 13.52 -17.91 33.26
CA VAL A 100 13.25 -16.50 33.02
C VAL A 100 11.82 -16.18 33.44
N GLU A 101 11.54 -14.91 33.67
CA GLU A 101 10.20 -14.51 34.03
C GLU A 101 9.67 -13.71 32.85
N LYS A 102 8.54 -14.11 32.29
CA LYS A 102 7.95 -13.42 31.15
C LYS A 102 6.50 -13.10 31.41
N ASN A 103 5.93 -12.17 30.65
CA ASN A 103 4.53 -11.83 30.84
C ASN A 103 3.76 -12.29 29.61
N TYR A 104 2.46 -12.52 29.77
CA TYR A 104 1.64 -12.98 28.67
C TYR A 104 0.33 -12.24 28.71
N ALA A 105 -0.31 -12.10 27.56
CA ALA A 105 -1.58 -11.40 27.50
C ALA A 105 -2.28 -11.68 26.18
N PHE A 106 -2.23 -12.93 25.74
CA PHE A 106 -2.84 -13.29 24.49
C PHE A 106 -3.87 -14.38 24.57
N GLU A 107 -4.38 -14.80 23.42
CA GLU A 107 -5.47 -15.77 23.36
C GLU A 107 -5.36 -17.21 23.82
N ILE A 108 -4.26 -17.62 24.43
CA ILE A 108 -4.20 -19.00 24.89
C ILE A 108 -4.63 -19.05 26.35
N PRO A 109 -5.71 -19.78 26.64
CA PRO A 109 -6.24 -19.92 27.99
C PRO A 109 -5.31 -20.85 28.77
N ASP A 110 -5.24 -20.68 30.09
CA ASP A 110 -4.38 -21.51 30.93
C ASP A 110 -2.97 -20.97 30.97
N VAL A 111 -2.78 -19.72 30.55
CA VAL A 111 -1.47 -19.10 30.57
C VAL A 111 -1.57 -17.86 31.46
N PRO A 112 -0.82 -17.85 32.57
CA PRO A 112 -0.80 -16.74 33.54
C PRO A 112 -0.13 -15.44 33.09
N GLU A 113 -0.68 -14.31 33.55
CA GLU A 113 -0.14 -12.98 33.19
C GLU A 113 1.37 -12.92 33.32
N LYS A 114 1.87 -13.42 34.43
CA LYS A 114 3.29 -13.44 34.69
C LYS A 114 3.58 -14.84 35.19
N SER A 115 4.74 -15.37 34.83
CA SER A 115 5.11 -16.70 35.25
C SER A 115 6.57 -16.95 34.97
N GLU A 116 7.09 -17.99 35.58
CA GLU A 116 8.49 -18.33 35.38
C GLU A 116 8.48 -19.38 34.28
N TYR A 117 9.36 -19.23 33.31
CA TYR A 117 9.43 -20.18 32.22
C TYR A 117 10.85 -20.70 32.13
N LEU A 118 11.02 -21.81 31.45
CA LEU A 118 12.34 -22.34 31.24
C LEU A 118 12.63 -22.02 29.77
N GLU A 119 13.51 -21.07 29.53
CA GLU A 119 13.89 -20.67 28.18
C GLU A 119 14.92 -21.69 27.66
N VAL A 120 14.62 -22.28 26.52
CA VAL A 120 15.50 -23.26 25.90
C VAL A 120 15.95 -22.78 24.53
N LYS A 121 17.22 -23.04 24.20
CA LYS A 121 17.77 -22.62 22.92
C LYS A 121 18.64 -23.73 22.32
N TYR A 122 18.52 -23.96 21.02
CA TYR A 122 19.31 -24.99 20.40
C TYR A 122 19.34 -24.78 18.89
N SER A 123 20.33 -25.36 18.22
CA SER A 123 20.46 -25.19 16.78
C SER A 123 19.18 -25.28 15.98
N ALA A 124 19.06 -24.40 14.99
CA ALA A 124 17.89 -24.41 14.14
C ALA A 124 18.09 -25.53 13.16
N GLU A 125 19.22 -26.22 13.27
CA GLU A 125 19.53 -27.33 12.38
C GLU A 125 18.99 -28.65 12.95
N MET A 126 18.69 -28.63 14.25
CA MET A 126 18.15 -29.79 14.93
C MET A 126 16.64 -29.70 14.82
N PRO A 127 15.94 -30.84 14.94
CA PRO A 127 14.48 -30.95 14.85
C PRO A 127 13.66 -29.89 15.59
N GLN A 128 12.51 -29.61 15.01
CA GLN A 128 11.57 -28.64 15.55
C GLN A 128 10.55 -29.41 16.39
N LEU A 129 10.35 -29.01 17.63
CA LEU A 129 9.38 -29.71 18.46
C LEU A 129 7.97 -29.31 18.01
N PRO A 130 6.97 -30.20 18.22
CA PRO A 130 5.58 -29.96 17.84
C PRO A 130 5.07 -28.73 18.61
N GLN A 131 4.15 -27.97 18.02
CA GLN A 131 3.67 -26.77 18.69
C GLN A 131 2.77 -27.05 19.90
N ASP A 132 2.00 -28.14 19.82
CA ASP A 132 1.10 -28.50 20.90
C ASP A 132 1.75 -29.45 21.88
N LEU A 133 3.07 -29.51 21.86
CA LEU A 133 3.80 -30.38 22.78
C LEU A 133 3.51 -30.04 24.22
N LYS A 134 3.34 -31.07 25.04
CA LYS A 134 3.06 -30.95 26.47
C LYS A 134 3.79 -32.05 27.20
N GLY A 135 3.96 -31.89 28.50
CA GLY A 135 4.67 -32.91 29.26
C GLY A 135 4.29 -33.04 30.71
N GLU A 136 5.05 -33.85 31.42
CA GLU A 136 4.82 -34.09 32.83
C GLU A 136 4.95 -32.80 33.64
N THR A 137 6.01 -32.03 33.38
CA THR A 137 6.25 -30.79 34.13
C THR A 137 5.80 -29.49 33.46
N PHE A 138 5.50 -29.54 32.15
CA PHE A 138 5.08 -28.34 31.44
C PHE A 138 3.78 -28.49 30.65
N SER A 139 2.90 -27.50 30.77
CA SER A 139 1.61 -27.50 30.09
C SER A 139 1.62 -26.95 28.68
N HIS A 140 2.56 -26.06 28.37
CA HIS A 140 2.60 -25.47 27.04
C HIS A 140 3.99 -24.96 26.68
N VAL A 141 4.31 -24.97 25.38
CA VAL A 141 5.62 -24.46 24.94
C VAL A 141 5.50 -23.42 23.81
N PHE A 142 6.03 -22.23 24.04
CA PHE A 142 6.02 -21.15 23.04
C PHE A 142 7.32 -21.01 22.26
N GLY A 143 7.22 -20.51 21.04
CA GLY A 143 8.43 -20.30 20.23
C GLY A 143 8.81 -21.41 19.30
N THR A 144 8.23 -22.58 19.52
CA THR A 144 8.50 -23.75 18.73
C THR A 144 8.80 -23.48 17.24
N ASN A 145 8.08 -22.54 16.62
CA ASN A 145 8.27 -22.29 15.19
C ASN A 145 8.83 -20.95 14.72
N THR A 146 9.28 -20.10 15.64
CA THR A 146 9.82 -18.79 15.28
C THR A 146 10.91 -18.95 14.21
N SER A 147 10.93 -18.04 13.22
CA SER A 147 11.93 -18.06 12.16
C SER A 147 13.23 -17.39 12.62
N SER A 148 14.33 -17.63 11.90
CA SER A 148 15.61 -17.04 12.28
C SER A 148 15.57 -15.53 12.13
N LEU A 149 15.00 -15.08 11.03
CA LEU A 149 14.91 -13.66 10.75
C LEU A 149 14.13 -12.89 11.80
N GLU A 150 13.00 -13.44 12.24
CA GLU A 150 12.22 -12.73 13.24
C GLU A 150 13.02 -12.71 14.53
N LEU A 151 13.61 -13.87 14.85
CA LEU A 151 14.41 -13.99 16.06
C LEU A 151 15.52 -12.99 16.05
N PHE A 152 16.26 -12.95 14.94
CA PHE A 152 17.37 -12.03 14.78
C PHE A 152 16.94 -10.57 14.96
N LEU A 153 15.98 -10.13 14.13
CA LEU A 153 15.50 -8.75 14.18
C LEU A 153 15.01 -8.32 15.53
N MET A 154 14.39 -9.23 16.25
CA MET A 154 13.87 -8.92 17.57
C MET A 154 14.95 -8.86 18.64
N ASN A 155 15.75 -9.93 18.73
CA ASN A 155 16.81 -10.01 19.73
C ASN A 155 17.85 -8.91 19.61
N ARG A 156 18.30 -8.61 18.40
CA ARG A 156 19.29 -7.53 18.26
C ARG A 156 18.63 -6.16 18.26
N LYS A 157 17.30 -6.13 18.31
CA LYS A 157 16.50 -4.90 18.32
C LYS A 157 16.74 -4.04 17.08
N ILE A 158 16.70 -4.68 15.92
CA ILE A 158 16.91 -3.98 14.67
C ILE A 158 15.58 -3.47 14.12
N LYS A 159 15.44 -2.16 14.04
CA LYS A 159 14.21 -1.60 13.54
C LYS A 159 14.40 -0.83 12.25
N GLY A 160 14.47 -1.55 11.15
CA GLY A 160 14.64 -0.91 9.85
C GLY A 160 16.08 -0.55 9.51
N PRO A 161 16.33 -0.10 8.27
CA PRO A 161 17.67 0.28 7.84
C PRO A 161 18.42 1.07 8.91
N CYS A 162 19.68 0.72 9.16
CA CYS A 162 20.50 1.40 10.17
C CYS A 162 21.91 0.86 10.15
N TRP A 163 22.79 1.53 10.89
CA TRP A 163 24.18 1.10 10.97
C TRP A 163 24.34 -0.01 11.97
N LEU A 164 25.13 -1.02 11.61
CA LEU A 164 25.40 -2.14 12.51
C LEU A 164 26.90 -2.29 12.68
N GLU A 165 27.33 -2.78 13.84
CA GLU A 165 28.74 -3.06 14.06
C GLU A 165 28.83 -4.57 14.09
N VAL A 166 29.72 -5.14 13.29
CA VAL A 166 29.86 -6.59 13.29
C VAL A 166 31.24 -6.92 13.85
N LYS A 167 31.26 -7.46 15.06
CA LYS A 167 32.53 -7.82 15.69
C LYS A 167 33.01 -9.18 15.22
N SER A 168 34.32 -9.32 15.17
CA SER A 168 34.94 -10.58 14.76
C SER A 168 34.44 -11.14 13.46
N PRO A 169 34.51 -10.34 12.38
CA PRO A 169 34.07 -10.78 11.05
C PRO A 169 34.93 -11.90 10.53
N GLN A 170 34.30 -12.83 9.81
CA GLN A 170 35.00 -13.98 9.24
C GLN A 170 35.00 -13.87 7.76
N LEU A 171 35.87 -14.63 7.11
CA LEU A 171 35.95 -14.62 5.66
C LEU A 171 35.16 -15.82 5.18
N LEU A 172 34.84 -15.87 3.91
CA LEU A 172 34.11 -17.02 3.39
C LEU A 172 34.92 -17.80 2.36
N ASN A 173 34.94 -19.12 2.52
CA ASN A 173 35.69 -19.98 1.62
C ASN A 173 35.40 -19.53 0.20
N GLN A 174 34.13 -19.40 -0.12
CA GLN A 174 33.70 -18.97 -1.44
C GLN A 174 32.67 -17.86 -1.36
N PRO A 175 32.62 -17.00 -2.40
CA PRO A 175 31.67 -15.88 -2.46
C PRO A 175 30.24 -16.39 -2.56
N VAL A 176 29.36 -15.86 -1.72
CA VAL A 176 27.96 -16.26 -1.70
C VAL A 176 27.05 -15.23 -2.38
N SER A 177 27.57 -14.03 -2.62
CA SER A 177 26.79 -12.97 -3.23
C SER A 177 27.46 -12.26 -4.38
N TRP A 178 26.75 -11.29 -4.93
CA TRP A 178 27.24 -10.49 -6.04
C TRP A 178 27.62 -9.12 -5.52
N CYS A 179 27.98 -9.05 -4.24
CA CYS A 179 28.35 -7.78 -3.65
C CYS A 179 29.84 -7.56 -3.74
N LYS A 180 30.27 -6.31 -3.58
CA LYS A 180 31.68 -5.96 -3.62
C LYS A 180 32.34 -6.65 -2.46
N ALA A 181 31.80 -6.40 -1.27
CA ALA A 181 32.33 -6.97 -0.04
C ALA A 181 31.41 -8.05 0.53
N GLU A 182 31.95 -8.84 1.45
CA GLU A 182 31.24 -9.91 2.14
C GLU A 182 31.90 -10.13 3.49
N ALA A 183 31.18 -10.73 4.42
CA ALA A 183 31.73 -10.97 5.73
C ALA A 183 30.81 -12.02 6.30
N MET A 184 31.17 -12.56 7.45
CA MET A 184 30.36 -13.59 8.06
C MET A 184 30.47 -13.48 9.55
N ALA A 185 29.34 -13.53 10.23
CA ALA A 185 29.33 -13.47 11.69
C ALA A 185 28.96 -14.88 12.16
N LEU A 186 29.70 -15.42 13.13
CA LEU A 186 29.42 -16.76 13.61
C LEU A 186 28.28 -16.81 14.61
N LYS A 187 27.92 -15.67 15.17
CA LYS A 187 26.82 -15.62 16.11
C LYS A 187 26.17 -14.24 16.17
N PRO A 188 24.83 -14.20 16.14
CA PRO A 188 24.07 -12.96 16.19
C PRO A 188 24.39 -11.94 17.28
N ASP A 189 25.03 -12.34 18.37
CA ASP A 189 25.34 -11.34 19.40
C ASP A 189 26.59 -10.55 19.02
N LEU A 190 27.16 -10.88 17.86
CA LEU A 190 28.32 -10.18 17.35
C LEU A 190 27.85 -8.93 16.63
N VAL A 191 26.57 -8.91 16.25
CA VAL A 191 25.96 -7.79 15.56
C VAL A 191 25.25 -6.83 16.49
N ASN A 192 25.53 -5.53 16.34
CA ASN A 192 24.93 -4.52 17.18
C ASN A 192 24.58 -3.20 16.50
N VAL A 193 23.41 -2.70 16.88
CA VAL A 193 22.90 -1.47 16.33
C VAL A 193 23.60 -0.27 16.95
N ILE A 194 24.09 0.66 16.13
CA ILE A 194 24.72 1.87 16.63
C ILE A 194 23.93 2.98 15.99
N LYS A 195 23.79 4.10 16.69
CA LYS A 195 22.97 5.18 16.16
C LYS A 195 23.63 6.53 15.97
N ASP A 196 24.94 6.62 16.21
CA ASP A 196 25.64 7.89 16.05
C ASP A 196 26.53 8.06 14.80
N VAL A 197 26.04 7.58 13.67
CA VAL A 197 26.74 7.65 12.39
C VAL A 197 25.64 7.94 11.37
N SER A 198 25.77 9.02 10.60
CA SER A 198 24.76 9.40 9.63
C SER A 198 24.65 8.37 8.53
N PRO A 199 23.44 8.22 7.94
CA PRO A 199 23.15 7.25 6.88
C PRO A 199 23.84 7.53 5.55
N PRO A 200 24.14 6.48 4.81
CA PRO A 200 24.81 6.68 3.53
C PRO A 200 23.82 6.84 2.42
N PRO A 201 24.20 7.53 1.36
CA PRO A 201 23.30 7.72 0.22
C PRO A 201 23.19 6.38 -0.50
N LEU A 202 22.12 6.18 -1.25
CA LEU A 202 21.91 4.94 -1.96
C LEU A 202 22.05 5.07 -3.44
N VAL A 203 22.10 3.93 -4.10
CA VAL A 203 22.21 3.88 -5.55
C VAL A 203 20.84 3.51 -6.08
N VAL A 204 20.20 4.44 -6.77
CA VAL A 204 18.88 4.16 -7.31
C VAL A 204 18.95 3.99 -8.82
N MET A 205 18.21 3.00 -9.31
CA MET A 205 18.13 2.74 -10.73
C MET A 205 16.67 2.62 -11.12
N ALA A 206 16.28 3.36 -12.14
CA ALA A 206 14.91 3.34 -12.64
C ALA A 206 14.96 2.80 -14.06
N PHE A 207 14.17 1.77 -14.35
CA PHE A 207 14.17 1.21 -15.69
C PHE A 207 12.80 0.98 -16.32
N SER A 208 12.79 0.80 -17.64
CA SER A 208 11.57 0.56 -18.39
C SER A 208 11.92 -0.33 -19.55
N MET A 209 10.99 -1.16 -19.99
CA MET A 209 11.25 -2.04 -21.11
C MET A 209 10.11 -2.04 -22.13
N LYS A 210 10.35 -2.60 -23.31
CA LYS A 210 9.35 -2.69 -24.38
C LYS A 210 9.28 -4.12 -24.88
N THR A 211 8.07 -4.63 -25.11
CA THR A 211 7.92 -5.98 -25.62
C THR A 211 7.26 -5.96 -26.99
N MET A 212 7.28 -7.11 -27.65
CA MET A 212 6.70 -7.22 -28.97
C MET A 212 6.35 -8.68 -29.24
N GLN A 213 5.10 -8.92 -29.62
CA GLN A 213 4.64 -10.26 -29.94
C GLN A 213 5.33 -10.71 -31.23
N ASN A 214 5.83 -11.95 -31.25
CA ASN A 214 6.53 -12.41 -32.44
C ASN A 214 5.60 -12.85 -33.56
N ALA A 215 6.05 -12.62 -34.79
CA ALA A 215 5.31 -12.96 -36.01
C ALA A 215 4.58 -14.29 -35.90
N LYS A 216 5.34 -15.38 -35.95
CA LYS A 216 4.74 -16.72 -35.87
C LYS A 216 4.46 -17.15 -34.44
N ASN A 217 5.48 -17.72 -33.79
CA ASN A 217 5.32 -18.19 -32.41
C ASN A 217 4.75 -17.12 -31.48
N HIS A 218 4.02 -17.57 -30.47
CA HIS A 218 3.43 -16.66 -29.50
C HIS A 218 4.48 -16.37 -28.43
N GLN A 219 5.19 -15.26 -28.58
CA GLN A 219 6.21 -14.91 -27.61
C GLN A 219 6.36 -13.42 -27.42
N ASN A 220 6.46 -13.01 -26.16
CA ASN A 220 6.63 -11.61 -25.82
C ASN A 220 8.13 -11.34 -25.72
N GLU A 221 8.73 -10.91 -26.83
CA GLU A 221 10.15 -10.65 -26.85
C GLU A 221 10.51 -9.21 -26.47
N ILE A 222 11.43 -9.06 -25.52
CA ILE A 222 11.86 -7.75 -25.07
C ILE A 222 12.76 -7.22 -26.16
N ILE A 223 12.51 -5.97 -26.56
CA ILE A 223 13.32 -5.39 -27.63
C ILE A 223 13.91 -4.05 -27.28
N ALA A 224 13.61 -3.53 -26.10
CA ALA A 224 14.19 -2.26 -25.67
C ALA A 224 14.06 -2.04 -24.17
N MET A 225 15.12 -1.53 -23.57
CA MET A 225 15.15 -1.26 -22.16
C MET A 225 15.92 0.02 -21.95
N ALA A 226 15.47 0.82 -21.01
CA ALA A 226 16.13 2.07 -20.69
C ALA A 226 16.32 2.09 -19.17
N ALA A 227 17.32 2.81 -18.69
CA ALA A 227 17.56 2.87 -17.26
C ALA A 227 18.29 4.16 -16.89
N LEU A 228 17.84 4.79 -15.81
CA LEU A 228 18.47 6.00 -15.30
C LEU A 228 19.09 5.59 -13.97
N VAL A 229 20.17 6.26 -13.57
CA VAL A 229 20.85 5.86 -12.35
C VAL A 229 21.40 7.03 -11.53
N HIS A 230 21.25 6.95 -10.23
CA HIS A 230 21.80 7.98 -9.38
C HIS A 230 22.60 7.26 -8.32
N HIS A 231 23.88 7.61 -8.19
CA HIS A 231 24.75 6.93 -7.24
C HIS A 231 24.83 7.53 -5.84
N SER A 232 24.16 8.66 -5.61
CA SER A 232 24.16 9.29 -4.29
C SER A 232 22.79 9.86 -3.97
N PHE A 233 21.81 8.98 -3.95
CA PHE A 233 20.43 9.36 -3.67
C PHE A 233 20.26 9.20 -2.18
N ALA A 234 20.02 10.30 -1.47
CA ALA A 234 19.85 10.24 -0.02
C ALA A 234 18.38 10.14 0.33
N LEU A 235 18.04 9.31 1.31
CA LEU A 235 16.65 9.15 1.71
C LEU A 235 16.31 10.02 2.92
N ASP A 236 17.27 10.81 3.37
CA ASP A 236 17.01 11.64 4.52
C ASP A 236 17.07 13.10 4.11
N LYS A 237 16.65 13.35 2.88
CA LYS A 237 16.58 14.68 2.32
C LYS A 237 15.90 14.73 0.96
N ALA A 238 15.68 15.93 0.44
CA ALA A 238 15.02 16.08 -0.83
C ALA A 238 15.67 15.21 -1.88
N ALA A 239 14.89 14.77 -2.86
CA ALA A 239 15.46 13.96 -3.92
C ALA A 239 16.41 14.86 -4.66
N PRO A 240 17.48 14.29 -5.25
CA PRO A 240 18.47 15.06 -6.00
C PRO A 240 17.85 15.73 -7.22
N LYS A 241 18.47 16.81 -7.68
CA LYS A 241 17.99 17.49 -8.87
C LYS A 241 19.20 17.70 -9.76
N PRO A 242 19.26 16.98 -10.89
CA PRO A 242 18.27 16.01 -11.37
C PRO A 242 18.31 14.67 -10.58
N PRO A 243 17.26 13.85 -10.73
CA PRO A 243 17.10 12.54 -10.09
C PRO A 243 18.07 11.49 -10.58
N PHE A 244 18.86 11.82 -11.59
CA PHE A 244 19.78 10.83 -12.10
C PHE A 244 21.05 11.48 -12.59
N GLN A 245 22.12 10.68 -12.65
CA GLN A 245 23.39 11.17 -13.09
C GLN A 245 23.80 10.50 -14.39
N SER A 246 23.34 9.28 -14.58
CA SER A 246 23.72 8.54 -15.78
C SER A 246 22.57 7.70 -16.28
N HIS A 247 22.77 7.02 -17.41
CA HIS A 247 21.71 6.19 -17.95
C HIS A 247 22.24 5.31 -19.07
N PHE A 248 21.36 4.51 -19.65
CA PHE A 248 21.73 3.66 -20.77
C PHE A 248 20.48 3.08 -21.43
N CYS A 249 20.57 2.77 -22.72
CA CYS A 249 19.45 2.19 -23.46
C CYS A 249 20.04 1.00 -24.20
N VAL A 250 19.20 0.06 -24.57
CA VAL A 250 19.68 -1.10 -25.30
C VAL A 250 18.54 -1.53 -26.19
N VAL A 251 18.85 -1.86 -27.43
CA VAL A 251 17.80 -2.29 -28.36
C VAL A 251 18.24 -3.52 -29.15
N SER A 252 17.29 -4.40 -29.46
CA SER A 252 17.57 -5.63 -30.19
C SER A 252 16.47 -5.87 -31.22
N LYS A 253 16.75 -6.71 -32.21
CA LYS A 253 15.77 -7.04 -33.25
C LYS A 253 15.11 -8.39 -32.93
N PRO A 254 13.79 -8.51 -33.18
CA PRO A 254 13.07 -9.75 -32.89
C PRO A 254 13.71 -11.06 -33.39
N LYS A 255 14.09 -11.11 -34.66
CA LYS A 255 14.71 -12.29 -35.25
C LYS A 255 14.88 -12.13 -36.75
N ASP A 256 13.74 -12.08 -37.43
CA ASP A 256 13.68 -11.95 -38.88
C ASP A 256 13.95 -10.51 -39.31
N CYS A 257 13.60 -9.56 -38.46
CA CYS A 257 13.81 -8.17 -38.82
C CYS A 257 15.29 -7.85 -38.98
N ILE A 258 15.56 -6.66 -39.49
CA ILE A 258 16.91 -6.18 -39.67
C ILE A 258 16.81 -4.71 -39.32
N PHE A 259 17.80 -4.20 -38.62
CA PHE A 259 17.79 -2.80 -38.24
C PHE A 259 17.94 -1.93 -39.48
N PRO A 260 17.32 -0.74 -39.49
CA PRO A 260 17.45 0.13 -40.66
C PRO A 260 18.94 0.39 -40.78
N TYR A 261 19.46 0.54 -42.00
CA TYR A 261 20.88 0.76 -42.10
C TYR A 261 21.28 2.21 -41.90
N ALA A 262 22.51 2.40 -41.42
CA ALA A 262 23.08 3.69 -41.09
C ALA A 262 22.73 3.88 -39.60
N PHE A 263 21.84 3.01 -39.13
CA PHE A 263 21.38 2.99 -37.74
C PHE A 263 22.57 3.16 -36.82
N LYS A 264 23.59 2.34 -37.05
CA LYS A 264 24.82 2.37 -36.26
C LYS A 264 25.36 3.79 -36.25
N GLU A 265 25.54 4.36 -37.44
CA GLU A 265 26.06 5.70 -37.62
C GLU A 265 25.09 6.77 -37.09
N VAL A 266 23.79 6.56 -37.31
CA VAL A 266 22.76 7.49 -36.84
C VAL A 266 22.92 7.70 -35.35
N ILE A 267 23.26 6.60 -34.66
CA ILE A 267 23.48 6.58 -33.22
C ILE A 267 24.79 7.29 -32.89
N GLU A 268 25.81 7.06 -33.71
CA GLU A 268 27.13 7.68 -33.54
C GLU A 268 26.96 9.15 -33.85
N LYS A 269 26.15 9.45 -34.86
CA LYS A 269 25.88 10.82 -35.28
C LYS A 269 25.27 11.63 -34.14
N LYS A 270 24.09 11.21 -33.68
CA LYS A 270 23.40 11.92 -32.62
C LYS A 270 23.98 11.66 -31.22
N ASN A 271 24.96 10.77 -31.15
CA ASN A 271 25.63 10.45 -29.90
C ASN A 271 24.68 10.05 -28.76
N VAL A 272 24.11 8.86 -28.86
CA VAL A 272 23.20 8.39 -27.81
C VAL A 272 23.81 7.15 -27.15
N LYS A 273 23.89 7.16 -25.82
CA LYS A 273 24.44 6.02 -25.10
C LYS A 273 23.51 4.80 -25.28
N VAL A 274 23.30 4.39 -26.53
CA VAL A 274 22.46 3.25 -26.83
C VAL A 274 23.20 2.07 -27.43
N GLU A 275 23.22 0.96 -26.70
CA GLU A 275 23.88 -0.25 -27.16
C GLU A 275 22.86 -1.05 -27.98
N VAL A 276 23.19 -1.34 -29.23
CA VAL A 276 22.29 -2.11 -30.08
C VAL A 276 22.70 -3.58 -30.12
N ALA A 277 21.90 -4.42 -29.47
CA ALA A 277 22.17 -5.85 -29.38
C ALA A 277 21.69 -6.60 -30.60
N ALA A 278 22.40 -7.68 -30.91
CA ALA A 278 22.07 -8.49 -32.08
C ALA A 278 20.87 -9.39 -31.82
N THR A 279 20.86 -10.04 -30.67
CA THR A 279 19.77 -10.93 -30.31
C THR A 279 19.17 -10.55 -28.96
N GLU A 280 17.99 -11.06 -28.67
CA GLU A 280 17.36 -10.78 -27.40
C GLU A 280 18.25 -11.32 -26.28
N ARG A 281 18.87 -12.47 -26.51
CA ARG A 281 19.76 -13.08 -25.52
C ARG A 281 20.92 -12.16 -25.18
N THR A 282 21.37 -11.42 -26.17
CA THR A 282 22.47 -10.48 -25.98
C THR A 282 21.96 -9.32 -25.14
N LEU A 283 20.77 -8.82 -25.46
CA LEU A 283 20.16 -7.71 -24.73
C LEU A 283 19.99 -8.07 -23.25
N LEU A 284 19.44 -9.25 -22.97
CA LEU A 284 19.27 -9.65 -21.60
C LEU A 284 20.61 -9.77 -20.90
N GLY A 285 21.59 -10.34 -21.59
CA GLY A 285 22.91 -10.48 -21.01
C GLY A 285 23.46 -9.11 -20.67
N PHE A 286 23.30 -8.16 -21.60
CA PHE A 286 23.77 -6.79 -21.42
C PHE A 286 23.13 -6.08 -20.23
N PHE A 287 21.82 -6.28 -20.07
CA PHE A 287 21.07 -5.67 -18.98
C PHE A 287 21.60 -6.14 -17.62
N LEU A 288 21.54 -7.44 -17.40
CA LEU A 288 22.03 -8.05 -16.17
C LEU A 288 23.45 -7.59 -15.86
N ALA A 289 24.29 -7.51 -16.90
CA ALA A 289 25.66 -7.07 -16.73
C ALA A 289 25.69 -5.64 -16.17
N LYS A 290 24.83 -4.76 -16.68
CA LYS A 290 24.77 -3.40 -16.18
C LYS A 290 24.22 -3.38 -14.73
N VAL A 291 23.26 -4.25 -14.44
CA VAL A 291 22.70 -4.28 -13.10
C VAL A 291 23.80 -4.66 -12.13
N HIS A 292 24.55 -5.69 -12.48
CA HIS A 292 25.65 -6.15 -11.64
C HIS A 292 26.71 -5.06 -11.43
N LYS A 293 27.11 -4.40 -12.51
CA LYS A 293 28.12 -3.36 -12.45
C LYS A 293 27.62 -2.11 -11.72
N ILE A 294 26.41 -1.66 -12.03
CA ILE A 294 25.83 -0.48 -11.37
C ILE A 294 25.52 -0.80 -9.90
N ASP A 295 25.18 -2.07 -9.64
CA ASP A 295 24.84 -2.56 -8.31
C ASP A 295 23.93 -1.61 -7.54
N PRO A 296 22.68 -1.47 -7.99
CA PRO A 296 21.70 -0.59 -7.34
C PRO A 296 21.09 -1.21 -6.08
N ASP A 297 20.84 -0.37 -5.09
CA ASP A 297 20.23 -0.82 -3.84
C ASP A 297 18.71 -0.78 -3.99
N ILE A 298 18.24 -0.02 -4.98
CA ILE A 298 16.82 0.09 -5.26
C ILE A 298 16.57 0.12 -6.76
N ILE A 299 15.79 -0.83 -7.25
CA ILE A 299 15.45 -0.86 -8.67
C ILE A 299 14.02 -0.35 -8.70
N VAL A 300 13.75 0.66 -9.52
CA VAL A 300 12.39 1.17 -9.56
C VAL A 300 11.77 1.12 -10.94
N GLY A 301 10.50 0.80 -11.00
CA GLY A 301 9.80 0.73 -12.27
C GLY A 301 8.29 0.82 -12.11
N HIS A 302 7.56 0.51 -13.18
CA HIS A 302 6.11 0.54 -13.11
C HIS A 302 5.54 -0.81 -13.48
N ASN A 303 4.70 -1.35 -12.61
CA ASN A 303 4.10 -2.65 -12.89
C ASN A 303 5.22 -3.68 -12.99
N ILE A 304 6.14 -3.62 -12.04
CA ILE A 304 7.27 -4.54 -11.99
C ILE A 304 6.79 -5.90 -11.54
N TYR A 305 6.23 -5.94 -10.34
CA TYR A 305 5.73 -7.17 -9.74
C TYR A 305 4.67 -7.91 -10.56
N GLY A 306 3.77 -7.16 -11.17
CA GLY A 306 2.70 -7.79 -11.94
C GLY A 306 3.00 -8.20 -13.36
N PHE A 307 4.01 -7.60 -13.98
CA PHE A 307 4.32 -7.92 -15.37
C PHE A 307 5.81 -8.00 -15.68
N GLU A 308 6.42 -6.83 -15.87
CA GLU A 308 7.83 -6.72 -16.23
C GLU A 308 8.80 -7.74 -15.63
N LEU A 309 8.79 -7.89 -14.30
CA LEU A 309 9.69 -8.81 -13.64
C LEU A 309 9.47 -10.24 -14.13
N GLU A 310 8.21 -10.64 -14.26
CA GLU A 310 7.90 -11.98 -14.72
C GLU A 310 8.25 -12.21 -16.19
N VAL A 311 8.03 -11.22 -17.05
CA VAL A 311 8.36 -11.35 -18.48
C VAL A 311 9.86 -11.46 -18.61
N LEU A 312 10.54 -10.63 -17.83
CA LEU A 312 12.00 -10.58 -17.82
C LEU A 312 12.61 -11.91 -17.40
N LEU A 313 12.17 -12.44 -16.27
CA LEU A 313 12.73 -13.71 -15.81
C LEU A 313 12.47 -14.83 -16.79
N GLN A 314 11.29 -14.84 -17.41
CA GLN A 314 10.98 -15.90 -18.35
C GLN A 314 11.80 -15.79 -19.63
N ARG A 315 11.93 -14.60 -20.20
CA ARG A 315 12.74 -14.46 -21.41
C ARG A 315 14.19 -14.85 -21.07
N ILE A 316 14.60 -14.52 -19.85
CA ILE A 316 15.94 -14.84 -19.39
C ILE A 316 16.13 -16.35 -19.36
N ASN A 317 15.05 -17.06 -19.07
CA ASN A 317 15.08 -18.51 -19.01
C ASN A 317 14.98 -19.09 -20.44
N VAL A 318 14.14 -18.48 -21.26
CA VAL A 318 13.93 -18.90 -22.65
C VAL A 318 15.15 -18.68 -23.53
N CYS A 319 15.70 -17.47 -23.51
CA CYS A 319 16.87 -17.14 -24.30
C CYS A 319 18.13 -17.63 -23.63
N LYS A 320 17.93 -18.39 -22.55
CA LYS A 320 19.04 -18.95 -21.81
C LYS A 320 20.12 -17.90 -21.59
N ALA A 321 19.72 -16.73 -21.10
CA ALA A 321 20.66 -15.66 -20.83
C ALA A 321 21.57 -16.07 -19.67
N PRO A 322 22.82 -15.56 -19.67
CA PRO A 322 23.85 -15.84 -18.67
C PRO A 322 23.73 -15.08 -17.33
N HIS A 323 23.83 -15.83 -16.23
CA HIS A 323 23.80 -15.25 -14.88
C HIS A 323 22.50 -14.56 -14.50
N TRP A 324 21.39 -15.29 -14.43
CA TRP A 324 20.13 -14.63 -14.10
C TRP A 324 20.14 -14.08 -12.68
N SER A 325 20.82 -14.77 -11.77
CA SER A 325 20.83 -14.32 -10.38
C SER A 325 21.46 -12.95 -10.17
N LYS A 326 22.17 -12.45 -11.17
CA LYS A 326 22.78 -11.13 -11.02
C LYS A 326 21.70 -10.04 -10.86
N ILE A 327 20.44 -10.40 -11.10
CA ILE A 327 19.38 -9.42 -10.94
C ILE A 327 19.17 -9.20 -9.46
N GLY A 328 19.68 -10.14 -8.66
CA GLY A 328 19.57 -10.04 -7.21
C GLY A 328 20.97 -9.86 -6.68
N ARG A 329 21.16 -10.10 -5.38
CA ARG A 329 22.48 -9.97 -4.80
C ARG A 329 22.97 -11.29 -4.28
N LEU A 330 22.13 -12.30 -4.35
CA LEU A 330 22.50 -13.61 -3.88
C LEU A 330 22.83 -14.52 -5.06
N LYS A 331 24.01 -15.14 -5.04
CA LYS A 331 24.41 -16.04 -6.12
C LYS A 331 23.56 -17.29 -5.94
N ARG A 332 22.83 -17.67 -6.99
CA ARG A 332 21.98 -18.85 -6.95
C ARG A 332 22.21 -19.70 -8.20
N SER A 333 21.44 -20.78 -8.31
CA SER A 333 21.56 -21.67 -9.44
C SER A 333 20.22 -21.93 -10.11
N ASN A 334 19.24 -22.31 -9.30
CA ASN A 334 17.90 -22.61 -9.80
C ASN A 334 17.00 -21.39 -9.77
N MET A 335 16.38 -21.08 -10.92
CA MET A 335 15.50 -19.92 -11.03
C MET A 335 14.03 -20.24 -10.73
N PRO A 336 13.48 -19.68 -9.64
CA PRO A 336 12.09 -19.89 -9.23
C PRO A 336 11.11 -19.02 -10.02
N LYS A 337 9.87 -19.49 -10.20
CA LYS A 337 8.87 -18.72 -10.95
C LYS A 337 7.54 -18.64 -10.22
N LEU A 338 6.50 -18.20 -10.94
CA LEU A 338 5.15 -18.09 -10.38
C LEU A 338 4.20 -18.91 -11.24
N GLY A 343 4.37 -11.55 -5.43
CA GLY A 343 5.60 -11.81 -6.12
C GLY A 343 6.65 -12.52 -5.26
N PHE A 344 6.36 -13.77 -4.89
CA PHE A 344 7.28 -14.56 -4.06
C PHE A 344 8.52 -14.99 -4.84
N GLY A 345 8.33 -15.91 -5.78
CA GLY A 345 9.43 -16.37 -6.59
C GLY A 345 10.15 -15.17 -7.16
N GLU A 346 9.43 -14.05 -7.23
CA GLU A 346 9.95 -12.78 -7.74
C GLU A 346 10.75 -12.01 -6.68
N ARG A 347 10.14 -11.81 -5.51
CA ARG A 347 10.82 -11.11 -4.42
C ARG A 347 12.14 -11.80 -4.09
N ASN A 348 12.19 -13.11 -4.31
CA ASN A 348 13.41 -13.86 -4.05
C ASN A 348 14.39 -13.67 -5.21
N ALA A 349 13.87 -13.53 -6.42
CA ALA A 349 14.71 -13.35 -7.59
C ALA A 349 15.57 -12.11 -7.45
N THR A 350 15.03 -11.06 -6.83
CA THR A 350 15.77 -9.82 -6.64
C THR A 350 16.34 -9.66 -5.24
N CYS A 351 16.34 -10.78 -4.53
CA CYS A 351 16.86 -10.91 -3.18
C CYS A 351 18.06 -10.01 -2.93
N GLY A 352 17.94 -9.06 -2.00
CA GLY A 352 19.05 -8.18 -1.72
C GLY A 352 18.91 -6.79 -2.32
N ARG A 353 18.07 -6.66 -3.33
CA ARG A 353 17.83 -5.37 -3.94
C ARG A 353 16.37 -5.02 -3.67
N MET A 354 16.11 -3.80 -3.21
CA MET A 354 14.74 -3.38 -2.95
C MET A 354 14.02 -2.99 -4.25
N ILE A 355 12.89 -3.61 -4.54
CA ILE A 355 12.12 -3.25 -5.73
C ILE A 355 11.05 -2.25 -5.32
N CYS A 356 10.96 -1.15 -6.04
CA CYS A 356 9.95 -0.14 -5.74
C CYS A 356 9.08 -0.01 -6.97
N ASP A 357 7.81 -0.35 -6.82
CA ASP A 357 6.86 -0.30 -7.92
C ASP A 357 5.96 0.95 -7.77
N VAL A 358 6.18 1.97 -8.59
CA VAL A 358 5.39 3.19 -8.47
C VAL A 358 3.89 2.95 -8.58
N GLU A 359 3.48 1.95 -9.35
CA GLU A 359 2.06 1.65 -9.46
C GLU A 359 1.56 1.22 -8.07
N ILE A 360 2.31 0.36 -7.39
CA ILE A 360 1.93 -0.07 -6.06
C ILE A 360 2.02 1.09 -5.06
N SER A 361 3.15 1.78 -5.03
CA SER A 361 3.32 2.89 -4.11
C SER A 361 2.25 3.96 -4.29
N ALA A 362 1.84 4.17 -5.55
CA ALA A 362 0.84 5.18 -5.83
C ALA A 362 -0.50 4.74 -5.26
N LYS A 363 -0.87 3.49 -5.52
CA LYS A 363 -2.14 2.98 -5.01
C LYS A 363 -2.23 3.24 -3.51
N GLU A 364 -1.10 3.12 -2.82
CA GLU A 364 -1.07 3.32 -1.37
C GLU A 364 -1.10 4.78 -0.92
N LEU A 365 -0.51 5.68 -1.69
CA LEU A 365 -0.40 7.09 -1.32
C LEU A 365 -1.43 8.08 -1.85
N ILE A 366 -2.03 7.80 -3.01
CA ILE A 366 -3.04 8.69 -3.58
C ILE A 366 -4.06 7.90 -4.39
N ARG A 367 -5.19 8.54 -4.75
CA ARG A 367 -6.23 7.87 -5.54
C ARG A 367 -6.32 8.39 -6.97
N CYS A 368 -6.61 7.49 -7.91
CA CYS A 368 -6.72 7.80 -9.36
C CYS A 368 -7.78 6.87 -9.98
N LYS A 369 -8.21 7.17 -11.21
CA LYS A 369 -9.21 6.29 -11.82
C LYS A 369 -8.56 4.98 -12.23
N SER A 370 -7.27 5.07 -12.53
CA SER A 370 -6.47 3.90 -12.88
C SER A 370 -5.05 4.26 -12.48
N TYR A 371 -4.21 3.25 -12.30
CA TYR A 371 -2.83 3.48 -11.91
C TYR A 371 -1.84 3.08 -12.99
N HIS A 372 -2.31 3.13 -14.24
CA HIS A 372 -1.47 2.81 -15.36
C HIS A 372 -0.56 4.01 -15.52
N LEU A 373 0.59 3.82 -16.15
CA LEU A 373 1.57 4.90 -16.27
C LEU A 373 1.11 6.23 -16.86
N SER A 374 0.30 6.18 -17.91
CA SER A 374 -0.17 7.41 -18.54
C SER A 374 -0.99 8.22 -17.55
N GLU A 375 -2.00 7.57 -16.97
CA GLU A 375 -2.86 8.22 -15.99
C GLU A 375 -2.04 8.90 -14.90
N LEU A 376 -1.01 8.18 -14.42
CA LEU A 376 -0.12 8.67 -13.37
C LEU A 376 0.74 9.88 -13.74
N VAL A 377 1.28 9.86 -14.96
CA VAL A 377 2.11 10.97 -15.43
C VAL A 377 1.24 12.19 -15.54
N GLN A 378 0.03 11.97 -16.01
CA GLN A 378 -0.94 13.03 -16.18
C GLN A 378 -1.26 13.68 -14.82
N GLN A 379 -1.81 12.89 -13.91
CA GLN A 379 -2.19 13.37 -12.59
C GLN A 379 -1.07 13.89 -11.69
N ILE A 380 0.03 13.15 -11.58
CA ILE A 380 1.13 13.56 -10.71
C ILE A 380 2.15 14.52 -11.31
N LEU A 381 2.56 14.26 -12.55
CA LEU A 381 3.56 15.10 -13.23
C LEU A 381 2.93 16.22 -14.03
N LYS A 382 1.66 16.03 -14.39
CA LYS A 382 0.92 17.03 -15.15
C LYS A 382 1.54 17.25 -16.53
N THR A 383 1.66 16.16 -17.29
CA THR A 383 2.22 16.17 -18.64
C THR A 383 1.55 15.02 -19.37
N GLU A 384 1.61 15.03 -20.70
CA GLU A 384 1.00 13.97 -21.46
C GLU A 384 2.03 12.92 -21.79
N ARG A 385 1.58 11.69 -21.92
CA ARG A 385 2.48 10.60 -22.25
C ARG A 385 2.00 9.87 -23.48
N VAL A 386 2.81 9.91 -24.53
CA VAL A 386 2.48 9.23 -25.78
C VAL A 386 2.44 7.72 -25.58
N VAL A 387 1.54 7.03 -26.27
CA VAL A 387 1.44 5.58 -26.16
C VAL A 387 1.79 4.93 -27.50
N ILE A 388 2.63 3.90 -27.46
CA ILE A 388 3.01 3.22 -28.68
C ILE A 388 2.48 1.78 -28.66
N PRO A 389 1.35 1.55 -29.35
CA PRO A 389 0.70 0.22 -29.43
C PRO A 389 1.61 -0.84 -30.06
N MET A 390 1.62 -2.04 -29.47
CA MET A 390 2.45 -3.15 -29.95
C MET A 390 2.52 -3.32 -31.46
N GLU A 391 1.41 -3.06 -32.14
CA GLU A 391 1.34 -3.19 -33.59
C GLU A 391 2.27 -2.22 -34.32
N ASN A 392 2.15 -0.95 -34.00
CA ASN A 392 2.94 0.12 -34.60
C ASN A 392 4.43 -0.13 -34.48
N ILE A 393 4.82 -0.97 -33.52
CA ILE A 393 6.22 -1.30 -33.27
C ILE A 393 6.96 -1.88 -34.48
N GLN A 394 6.44 -2.97 -35.04
CA GLN A 394 7.08 -3.60 -36.19
C GLN A 394 7.46 -2.58 -37.26
N ASN A 395 6.47 -1.76 -37.64
CA ASN A 395 6.63 -0.73 -38.65
C ASN A 395 7.81 0.19 -38.35
N MET A 396 8.14 0.33 -37.06
CA MET A 396 9.23 1.20 -36.63
C MET A 396 10.63 0.67 -36.93
N TYR A 397 10.77 -0.64 -37.07
CA TYR A 397 12.06 -1.25 -37.38
C TYR A 397 12.45 -1.01 -38.84
N SER A 398 11.46 -0.69 -39.66
CA SER A 398 11.69 -0.43 -41.07
C SER A 398 12.60 0.78 -41.27
N GLU A 399 12.37 1.84 -40.49
CA GLU A 399 13.16 3.05 -40.61
C GLU A 399 13.99 3.37 -39.38
N SER A 400 15.12 4.06 -39.59
CA SER A 400 16.00 4.43 -38.49
C SER A 400 15.30 5.35 -37.50
N SER A 401 14.73 6.45 -37.98
CA SER A 401 14.04 7.41 -37.12
C SER A 401 13.00 6.80 -36.20
N GLN A 402 12.26 5.82 -36.69
CA GLN A 402 11.24 5.18 -35.87
C GLN A 402 11.81 4.34 -34.74
N LEU A 403 12.79 3.49 -35.04
CA LEU A 403 13.39 2.70 -33.98
C LEU A 403 13.97 3.66 -32.97
N LEU A 404 14.55 4.74 -33.48
CA LEU A 404 15.16 5.77 -32.65
C LEU A 404 14.12 6.48 -31.80
N TYR A 405 12.89 6.56 -32.30
CA TYR A 405 11.82 7.21 -31.55
C TYR A 405 11.33 6.31 -30.44
N LEU A 406 11.12 5.04 -30.78
CA LEU A 406 10.64 4.04 -29.83
C LEU A 406 11.63 3.95 -28.67
N LEU A 407 12.92 3.95 -29.01
CA LEU A 407 13.97 3.87 -28.01
C LEU A 407 13.91 5.08 -27.11
N GLU A 408 13.65 6.25 -27.70
CA GLU A 408 13.58 7.47 -26.91
C GLU A 408 12.33 7.45 -26.04
N HIS A 409 11.29 6.81 -26.53
CA HIS A 409 10.05 6.73 -25.78
C HIS A 409 10.26 5.88 -24.53
N THR A 410 10.99 4.78 -24.67
CA THR A 410 11.27 3.89 -23.54
C THR A 410 12.06 4.67 -22.51
N TRP A 411 12.98 5.50 -22.99
CA TRP A 411 13.80 6.32 -22.12
C TRP A 411 12.91 7.28 -21.31
N LYS A 412 11.95 7.91 -21.97
CA LYS A 412 11.05 8.84 -21.30
C LYS A 412 10.21 8.23 -20.18
N ASP A 413 9.81 6.97 -20.35
CA ASP A 413 9.02 6.27 -19.34
C ASP A 413 9.84 6.04 -18.07
N ALA A 414 11.11 5.72 -18.25
CA ALA A 414 12.00 5.50 -17.13
C ALA A 414 12.16 6.82 -16.37
N LYS A 415 12.28 7.92 -17.12
CA LYS A 415 12.42 9.21 -16.49
C LYS A 415 11.12 9.58 -15.78
N PHE A 416 9.97 9.24 -16.39
CA PHE A 416 8.69 9.54 -15.74
C PHE A 416 8.60 8.77 -14.43
N ILE A 417 8.83 7.46 -14.54
CA ILE A 417 8.78 6.60 -13.38
C ILE A 417 9.67 7.16 -12.28
N LEU A 418 10.87 7.61 -12.64
CA LEU A 418 11.74 8.17 -11.63
C LEU A 418 11.19 9.48 -11.04
N GLN A 419 10.69 10.38 -11.89
CA GLN A 419 10.15 11.65 -11.39
C GLN A 419 8.91 11.46 -10.51
N ILE A 420 8.08 10.50 -10.88
CA ILE A 420 6.90 10.23 -10.10
C ILE A 420 7.36 9.75 -8.74
N MET A 421 8.35 8.87 -8.72
CA MET A 421 8.84 8.36 -7.44
C MET A 421 9.29 9.52 -6.55
N CYS A 422 10.06 10.44 -7.10
CA CYS A 422 10.53 11.59 -6.33
C CYS A 422 9.41 12.55 -5.91
N GLU A 423 8.36 12.63 -6.72
CA GLU A 423 7.24 13.53 -6.44
C GLU A 423 6.43 13.06 -5.24
N LEU A 424 6.01 11.80 -5.24
CA LEU A 424 5.24 11.26 -4.13
C LEU A 424 6.16 11.09 -2.93
N ASN A 425 7.47 11.12 -3.19
CA ASN A 425 8.46 10.99 -2.14
C ASN A 425 8.43 9.59 -1.52
N VAL A 426 8.25 8.61 -2.38
CA VAL A 426 8.14 7.23 -1.94
C VAL A 426 9.24 6.68 -1.06
N LEU A 427 10.49 6.79 -1.49
CA LEU A 427 11.57 6.21 -0.71
C LEU A 427 11.71 6.77 0.70
N PRO A 428 11.79 8.09 0.87
CA PRO A 428 11.92 8.58 2.25
C PRO A 428 10.77 8.13 3.15
N LEU A 429 9.55 8.12 2.61
CA LEU A 429 8.37 7.70 3.35
C LEU A 429 8.47 6.21 3.72
N ALA A 430 8.87 5.40 2.75
CA ALA A 430 9.03 3.97 2.96
C ALA A 430 10.04 3.73 4.09
N LEU A 431 11.13 4.50 4.10
CA LEU A 431 12.15 4.36 5.15
C LEU A 431 11.57 4.73 6.50
N GLN A 432 10.97 5.91 6.59
CA GLN A 432 10.35 6.38 7.82
C GLN A 432 9.39 5.36 8.46
N ILE A 433 8.52 4.80 7.63
CA ILE A 433 7.56 3.80 8.08
C ILE A 433 8.29 2.56 8.56
N THR A 434 9.30 2.12 7.80
CA THR A 434 10.06 0.94 8.15
C THR A 434 10.85 1.11 9.45
N ASN A 435 11.20 2.35 9.76
CA ASN A 435 11.93 2.58 10.99
C ASN A 435 10.95 2.56 12.15
N ILE A 436 9.71 2.93 11.86
CA ILE A 436 8.66 2.97 12.89
C ILE A 436 8.13 1.57 13.20
N ALA A 437 8.01 0.75 12.17
CA ALA A 437 7.47 -0.58 12.35
C ALA A 437 8.54 -1.58 12.74
N GLY A 438 9.77 -1.35 12.30
CA GLY A 438 10.82 -2.28 12.61
C GLY A 438 10.80 -3.51 11.71
N ASN A 439 10.21 -3.37 10.51
CA ASN A 439 10.15 -4.50 9.58
C ASN A 439 11.28 -4.39 8.55
N ILE A 440 11.08 -4.96 7.38
CA ILE A 440 12.08 -4.95 6.33
C ILE A 440 11.57 -4.02 5.24
N MET A 441 12.39 -3.04 4.88
CA MET A 441 12.00 -2.07 3.87
C MET A 441 11.58 -2.62 2.51
N SER A 442 12.18 -3.70 2.04
CA SER A 442 11.73 -4.21 0.75
C SER A 442 10.28 -4.62 0.86
N ARG A 443 9.89 -5.10 2.03
CA ARG A 443 8.53 -5.54 2.28
C ARG A 443 7.59 -4.36 2.46
N THR A 444 8.11 -3.26 2.99
CA THR A 444 7.26 -2.09 3.14
C THR A 444 6.87 -1.61 1.75
N LEU A 445 7.80 -1.65 0.81
CA LEU A 445 7.57 -1.23 -0.55
C LEU A 445 6.64 -2.14 -1.35
N MET A 446 6.25 -3.27 -0.76
CA MET A 446 5.33 -4.17 -1.45
C MET A 446 3.89 -3.85 -1.11
N GLY A 447 3.70 -2.97 -0.13
CA GLY A 447 2.35 -2.58 0.27
C GLY A 447 1.83 -3.48 1.37
N GLY A 448 0.69 -3.10 1.95
CA GLY A 448 0.10 -3.90 3.01
C GLY A 448 0.34 -3.28 4.37
N ARG A 449 -0.68 -3.29 5.22
CA ARG A 449 -0.54 -2.67 6.52
C ARG A 449 -0.32 -3.69 7.61
N SER A 450 -0.91 -4.86 7.43
CA SER A 450 -0.86 -5.93 8.42
C SER A 450 0.50 -6.30 8.96
N GLU A 451 1.42 -6.67 8.08
CA GLU A 451 2.78 -7.06 8.48
C GLU A 451 3.50 -5.95 9.24
N ARG A 452 3.39 -4.71 8.78
CA ARG A 452 4.04 -3.62 9.48
C ARG A 452 3.50 -3.58 10.87
N ASN A 453 2.20 -3.73 11.00
CA ASN A 453 1.59 -3.70 12.31
C ASN A 453 2.15 -4.79 13.20
N GLU A 454 2.12 -6.02 12.70
CA GLU A 454 2.63 -7.18 13.41
C GLU A 454 4.03 -6.92 13.96
N PHE A 455 4.91 -6.40 13.11
CA PHE A 455 6.29 -6.11 13.52
C PHE A 455 6.35 -5.00 14.56
N LEU A 456 5.56 -3.96 14.37
CA LEU A 456 5.54 -2.89 15.33
C LEU A 456 5.21 -3.49 16.70
N LEU A 457 4.17 -4.30 16.77
CA LEU A 457 3.77 -4.91 18.05
C LEU A 457 4.79 -5.92 18.60
N LEU A 458 5.30 -6.82 17.74
CA LEU A 458 6.29 -7.78 18.16
C LEU A 458 7.45 -7.06 18.89
N HIS A 459 7.99 -6.02 18.26
CA HIS A 459 9.07 -5.25 18.88
C HIS A 459 8.60 -4.71 20.23
N ALA A 460 7.44 -4.09 20.26
CA ALA A 460 6.94 -3.52 21.50
C ALA A 460 6.82 -4.57 22.61
N PHE A 461 6.30 -5.74 22.29
CA PHE A 461 6.16 -6.75 23.32
C PHE A 461 7.50 -7.39 23.71
N TYR A 462 8.40 -7.63 22.74
CA TYR A 462 9.71 -8.18 23.12
C TYR A 462 10.32 -7.19 24.10
N GLU A 463 10.29 -5.92 23.75
CA GLU A 463 10.84 -4.86 24.56
C GLU A 463 10.28 -4.84 25.96
N ASN A 464 9.02 -5.24 26.11
CA ASN A 464 8.40 -5.23 27.42
C ASN A 464 8.42 -6.58 28.12
N ASN A 465 9.22 -7.50 27.59
CA ASN A 465 9.39 -8.82 28.18
C ASN A 465 8.13 -9.69 28.18
N TYR A 466 7.48 -9.76 27.04
CA TYR A 466 6.28 -10.55 26.90
C TYR A 466 6.48 -11.72 25.98
N ILE A 467 5.76 -12.79 26.21
CA ILE A 467 5.82 -13.89 25.29
C ILE A 467 4.92 -13.35 24.20
N VAL A 468 5.20 -13.68 22.95
CA VAL A 468 4.34 -13.19 21.88
C VAL A 468 3.77 -14.41 21.19
N PRO A 469 2.58 -14.26 20.62
CA PRO A 469 1.89 -15.35 19.92
C PRO A 469 2.78 -15.97 18.83
N ASP A 470 2.65 -17.26 18.57
CA ASP A 470 3.44 -17.92 17.53
C ASP A 470 2.76 -17.63 16.20
N LYS A 471 3.51 -17.61 15.11
CA LYS A 471 2.90 -17.39 13.80
C LYS A 471 1.99 -18.59 13.59
N GLN A 472 0.91 -18.41 12.85
CA GLN A 472 -0.02 -19.51 12.61
C GLN A 472 0.14 -19.98 11.18
N ILE A 473 -0.23 -21.25 10.92
CA ILE A 473 -0.18 -21.81 9.57
C ILE A 473 -1.17 -22.97 9.44
N ARG A 499 -13.55 -9.28 -0.45
CA ARG A 499 -13.98 -8.78 0.86
C ARG A 499 -14.99 -9.70 1.53
N LYS A 500 -14.83 -9.88 2.83
CA LYS A 500 -15.72 -10.73 3.61
C LYS A 500 -16.89 -9.94 4.20
N LYS A 501 -17.67 -10.61 5.03
CA LYS A 501 -18.82 -9.99 5.67
C LYS A 501 -18.40 -9.54 7.08
N ALA A 502 -18.79 -8.33 7.47
CA ALA A 502 -18.41 -7.80 8.79
C ALA A 502 -18.67 -8.82 9.89
N ALA A 503 -17.89 -8.76 10.96
CA ALA A 503 -18.04 -9.69 12.07
C ALA A 503 -18.22 -9.00 13.43
N TYR A 504 -18.45 -7.69 13.40
CA TYR A 504 -18.69 -6.92 14.60
C TYR A 504 -19.22 -5.54 14.20
N ALA A 505 -19.80 -4.83 15.15
CA ALA A 505 -20.38 -3.52 14.87
C ALA A 505 -19.35 -2.45 14.55
N GLY A 506 -19.62 -1.69 13.50
CA GLY A 506 -18.71 -0.63 13.12
C GLY A 506 -19.09 0.74 13.65
N GLY A 507 -18.91 1.76 12.83
CA GLY A 507 -19.23 3.11 13.22
C GLY A 507 -20.68 3.45 12.98
N LEU A 508 -21.13 4.50 13.64
CA LEU A 508 -22.51 4.93 13.49
C LEU A 508 -22.61 6.05 12.46
N VAL A 509 -23.58 5.95 11.56
CA VAL A 509 -23.80 6.98 10.54
C VAL A 509 -25.18 7.53 10.78
N LEU A 510 -25.27 8.82 11.06
CA LEU A 510 -26.55 9.46 11.32
C LEU A 510 -27.36 9.54 10.04
N ASP A 511 -28.67 9.59 10.19
CA ASP A 511 -29.57 9.70 9.05
C ASP A 511 -29.59 11.15 8.61
N PRO A 512 -29.20 11.42 7.36
CA PRO A 512 -29.18 12.77 6.81
C PRO A 512 -30.50 13.44 6.49
N LYS A 513 -30.56 14.74 6.74
CA LYS A 513 -31.73 15.54 6.44
C LYS A 513 -31.35 16.12 5.10
N VAL A 514 -31.73 15.37 4.07
CA VAL A 514 -31.46 15.63 2.66
C VAL A 514 -31.97 16.93 2.07
N GLY A 515 -31.15 17.58 1.26
CA GLY A 515 -31.57 18.81 0.65
C GLY A 515 -30.44 19.73 0.22
N PHE A 516 -30.80 20.96 -0.15
CA PHE A 516 -29.81 21.95 -0.53
C PHE A 516 -29.76 22.91 0.63
N TYR A 517 -28.65 23.63 0.79
CA TYR A 517 -28.52 24.56 1.88
C TYR A 517 -27.88 25.89 1.45
N ASP A 518 -28.50 27.00 1.89
CA ASP A 518 -28.07 28.36 1.57
C ASP A 518 -27.17 28.91 2.64
N LYS A 519 -27.59 28.72 3.89
CA LYS A 519 -26.87 29.22 5.04
C LYS A 519 -25.60 28.41 5.29
N PHE A 520 -24.69 28.95 6.09
CA PHE A 520 -23.44 28.27 6.42
C PHE A 520 -23.66 26.97 7.17
N ILE A 521 -22.86 25.96 6.84
CA ILE A 521 -22.92 24.67 7.53
C ILE A 521 -21.63 24.47 8.35
N LEU A 522 -21.79 23.95 9.55
CA LEU A 522 -20.68 23.73 10.46
C LEU A 522 -20.30 22.25 10.54
N LEU A 523 -19.10 21.89 10.13
CA LEU A 523 -18.68 20.50 10.21
C LEU A 523 -17.63 20.30 11.30
N LEU A 524 -17.94 19.47 12.29
CA LEU A 524 -17.00 19.20 13.36
C LEU A 524 -16.58 17.75 13.27
N ASP A 525 -15.31 17.47 13.54
CA ASP A 525 -14.79 16.11 13.47
C ASP A 525 -13.79 15.85 14.59
N PHE A 526 -13.88 14.69 15.23
CA PHE A 526 -12.91 14.35 16.27
C PHE A 526 -11.52 14.04 15.68
N ASN A 527 -10.49 14.48 16.41
CA ASN A 527 -9.11 14.25 16.03
C ASN A 527 -8.69 12.84 16.41
N SER A 528 -8.25 12.06 15.42
CA SER A 528 -7.81 10.69 15.64
C SER A 528 -8.69 9.91 16.62
N LEU A 529 -9.98 9.91 16.34
CA LEU A 529 -10.94 9.26 17.21
C LEU A 529 -10.59 7.88 17.75
N TYR A 530 -10.58 6.86 16.90
CA TYR A 530 -10.28 5.53 17.41
C TYR A 530 -8.96 5.46 18.17
N PRO A 531 -7.87 6.03 17.61
CA PRO A 531 -6.62 5.95 18.37
C PRO A 531 -6.77 6.63 19.74
N SER A 532 -7.49 7.74 19.79
CA SER A 532 -7.71 8.47 21.05
C SER A 532 -8.60 7.66 22.00
N ILE A 533 -9.58 6.96 21.46
CA ILE A 533 -10.46 6.15 22.27
C ILE A 533 -9.65 5.04 22.91
N ILE A 534 -8.70 4.49 22.17
CA ILE A 534 -7.88 3.41 22.70
C ILE A 534 -7.02 3.88 23.88
N GLN A 535 -6.55 5.13 23.82
CA GLN A 535 -5.75 5.71 24.89
C GLN A 535 -6.66 6.20 26.02
N GLU A 536 -7.65 7.00 25.64
CA GLU A 536 -8.60 7.56 26.57
C GLU A 536 -9.24 6.53 27.51
N PHE A 537 -9.29 5.27 27.11
CA PHE A 537 -9.90 4.25 27.95
C PHE A 537 -8.93 3.14 28.26
N ASN A 538 -7.69 3.36 27.86
CA ASN A 538 -6.63 2.40 28.10
C ASN A 538 -7.02 1.00 27.63
N ILE A 539 -7.33 0.88 26.35
CA ILE A 539 -7.69 -0.42 25.83
C ILE A 539 -6.41 -1.10 25.31
N CYS A 540 -6.14 -2.31 25.80
CA CYS A 540 -4.94 -3.04 25.38
C CYS A 540 -5.08 -4.52 25.64
N PHE A 541 -4.31 -5.34 24.93
CA PHE A 541 -4.37 -6.80 25.15
C PHE A 541 -4.03 -7.07 26.60
N THR A 542 -3.36 -6.11 27.25
CA THR A 542 -2.95 -6.25 28.63
C THR A 542 -3.88 -5.63 29.69
N THR A 543 -4.98 -5.02 29.28
CA THR A 543 -5.87 -4.43 30.28
C THR A 543 -7.36 -4.76 30.16
N VAL A 544 -7.75 -5.44 29.08
CA VAL A 544 -9.16 -5.77 28.85
C VAL A 544 -9.48 -7.25 28.90
N GLN A 545 -10.31 -7.66 29.86
CA GLN A 545 -10.66 -9.09 29.97
C GLN A 545 -11.57 -9.52 28.82
N ARG A 546 -11.31 -10.70 28.28
CA ARG A 546 -12.07 -11.22 27.13
C ARG A 546 -11.99 -12.74 27.09
N VAL A 547 -12.29 -13.32 25.93
CA VAL A 547 -12.22 -14.77 25.74
C VAL A 547 -12.08 -15.11 24.25
N GLU A 561 -19.51 -13.12 20.62
CA GLU A 561 -20.02 -11.79 20.35
C GLU A 561 -20.55 -11.13 21.63
N GLN A 562 -19.68 -10.36 22.28
CA GLN A 562 -20.03 -9.64 23.50
C GLN A 562 -18.98 -8.55 23.70
N ILE A 563 -19.40 -7.39 24.18
CA ILE A 563 -18.47 -6.29 24.40
C ILE A 563 -17.89 -6.29 25.80
N PRO A 564 -16.58 -6.56 25.94
CA PRO A 564 -15.91 -6.60 27.25
C PRO A 564 -16.03 -5.28 28.05
N GLU A 565 -15.57 -5.32 29.29
CA GLU A 565 -15.67 -4.16 30.18
C GLU A 565 -14.45 -3.23 30.17
N LEU A 566 -14.70 -1.92 30.30
CA LEU A 566 -13.61 -0.96 30.35
C LEU A 566 -12.80 -1.36 31.58
N PRO A 567 -11.46 -1.42 31.46
CA PRO A 567 -10.60 -1.81 32.58
C PRO A 567 -10.54 -0.77 33.69
N ASP A 568 -10.14 -1.19 34.89
CA ASP A 568 -10.05 -0.28 36.05
C ASP A 568 -9.28 0.96 35.69
N PRO A 569 -9.89 2.14 35.84
CA PRO A 569 -9.19 3.39 35.52
C PRO A 569 -7.90 3.55 36.34
N SER A 570 -7.66 2.54 37.19
CA SER A 570 -6.49 2.47 38.05
C SER A 570 -5.25 1.95 37.31
N LEU A 571 -5.42 0.83 36.61
CA LEU A 571 -4.36 0.20 35.83
C LEU A 571 -3.48 1.18 35.04
N GLU A 572 -2.27 0.75 34.70
CA GLU A 572 -1.32 1.58 33.97
C GLU A 572 -1.53 1.48 32.45
N MET A 573 -1.10 2.51 31.72
CA MET A 573 -1.25 2.54 30.27
C MET A 573 -0.61 1.31 29.64
N GLY A 574 -1.39 0.55 28.88
CA GLY A 574 -0.87 -0.66 28.27
C GLY A 574 0.02 -0.39 27.08
N ILE A 575 0.60 -1.45 26.55
CA ILE A 575 1.47 -1.36 25.39
C ILE A 575 0.80 -0.71 24.18
N LEU A 576 -0.40 -1.18 23.85
CA LEU A 576 -1.13 -0.67 22.70
C LEU A 576 -1.39 0.83 22.70
N PRO A 577 -1.91 1.38 23.81
CA PRO A 577 -2.17 2.82 23.85
C PRO A 577 -0.88 3.61 23.70
N ARG A 578 0.19 3.08 24.27
CA ARG A 578 1.49 3.71 24.20
C ARG A 578 1.98 3.78 22.76
N GLU A 579 1.96 2.66 22.05
CA GLU A 579 2.43 2.65 20.66
C GLU A 579 1.55 3.51 19.78
N ILE A 580 0.24 3.42 19.98
CA ILE A 580 -0.74 4.19 19.22
C ILE A 580 -0.48 5.67 19.47
N ARG A 581 -0.30 6.01 20.74
CA ARG A 581 -0.05 7.39 21.12
C ARG A 581 1.13 7.93 20.35
N LYS A 582 2.18 7.12 20.18
CA LYS A 582 3.35 7.55 19.46
C LYS A 582 3.09 7.86 17.99
N LEU A 583 2.24 7.06 17.35
CA LEU A 583 1.90 7.30 15.95
C LEU A 583 1.07 8.57 15.80
N VAL A 584 0.29 8.89 16.83
CA VAL A 584 -0.53 10.10 16.77
C VAL A 584 0.32 11.35 16.98
N GLU A 585 1.40 11.23 17.74
CA GLU A 585 2.26 12.37 17.97
C GLU A 585 3.07 12.68 16.73
N ARG A 586 3.52 11.64 16.06
CA ARG A 586 4.30 11.82 14.86
C ARG A 586 3.46 12.60 13.87
N ARG A 587 2.21 12.19 13.76
CA ARG A 587 1.30 12.83 12.84
C ARG A 587 1.09 14.30 13.17
N LYS A 588 0.82 14.61 14.43
CA LYS A 588 0.62 16.00 14.85
C LYS A 588 1.80 16.87 14.47
N GLN A 589 3.01 16.37 14.66
CA GLN A 589 4.19 17.13 14.32
C GLN A 589 4.20 17.45 12.85
N VAL A 590 3.87 16.47 12.01
CA VAL A 590 3.85 16.72 10.58
C VAL A 590 2.78 17.72 10.23
N LYS A 591 1.70 17.75 11.02
CA LYS A 591 0.63 18.69 10.74
C LYS A 591 1.12 20.06 11.15
N GLN A 592 1.89 20.09 12.23
CA GLN A 592 2.47 21.34 12.72
C GLN A 592 3.28 21.99 11.60
N LEU A 593 4.13 21.19 10.96
CA LEU A 593 4.96 21.69 9.88
C LEU A 593 4.10 22.32 8.79
N MET A 594 3.05 21.61 8.38
CA MET A 594 2.17 22.11 7.33
C MET A 594 1.67 23.52 7.62
N LYS A 595 1.36 23.76 8.88
CA LYS A 595 0.85 25.05 9.36
C LYS A 595 1.83 26.18 9.04
N GLN A 596 3.10 25.82 8.88
CA GLN A 596 4.22 26.72 8.59
C GLN A 596 4.02 27.88 7.64
N GLN A 597 4.91 28.87 7.80
CA GLN A 597 4.95 30.11 7.03
C GLN A 597 5.33 29.97 5.55
N ASP A 598 4.35 30.17 4.68
CA ASP A 598 4.55 30.10 3.23
C ASP A 598 5.45 28.95 2.77
N LEU A 599 4.87 27.92 2.17
CA LEU A 599 5.65 26.79 1.70
C LEU A 599 5.33 26.43 0.26
N ASN A 600 6.20 25.63 -0.32
CA ASN A 600 6.06 25.20 -1.70
C ASN A 600 4.83 24.31 -1.88
N PRO A 601 4.07 24.52 -2.96
CA PRO A 601 2.86 23.75 -3.27
C PRO A 601 3.17 22.26 -3.38
N ASP A 602 4.38 21.95 -3.83
CA ASP A 602 4.83 20.58 -4.00
C ASP A 602 5.19 19.99 -2.64
N LEU A 603 5.90 20.79 -1.83
CA LEU A 603 6.31 20.36 -0.51
C LEU A 603 5.12 20.20 0.42
N ILE A 604 4.10 21.02 0.22
CA ILE A 604 2.92 20.93 1.06
C ILE A 604 2.10 19.68 0.72
N LEU A 605 2.17 19.23 -0.52
CA LEU A 605 1.46 18.02 -0.91
C LEU A 605 2.13 16.81 -0.24
N GLN A 606 3.45 16.86 -0.13
CA GLN A 606 4.19 15.77 0.49
C GLN A 606 3.87 15.64 1.96
N TYR A 607 3.80 16.77 2.68
CA TYR A 607 3.47 16.75 4.10
C TYR A 607 2.07 16.17 4.31
N ASP A 608 1.17 16.51 3.40
CA ASP A 608 -0.18 16.02 3.50
C ASP A 608 -0.18 14.51 3.26
N ILE A 609 0.57 14.03 2.27
CA ILE A 609 0.63 12.59 1.97
C ILE A 609 1.18 11.84 3.18
N ARG A 610 2.24 12.39 3.75
CA ARG A 610 2.88 11.81 4.90
C ARG A 610 1.94 11.76 6.09
N GLN A 611 1.28 12.88 6.34
CA GLN A 611 0.33 12.98 7.45
C GLN A 611 -0.80 11.96 7.40
N LYS A 612 -1.31 11.69 6.20
CA LYS A 612 -2.37 10.71 6.03
C LYS A 612 -1.80 9.30 6.15
N ALA A 613 -0.55 9.14 5.74
CA ALA A 613 0.10 7.84 5.82
C ALA A 613 0.22 7.47 7.31
N LEU A 614 0.51 8.45 8.15
CA LEU A 614 0.63 8.19 9.58
C LEU A 614 -0.76 7.94 10.18
N LYS A 615 -1.78 8.56 9.60
CA LYS A 615 -3.16 8.38 10.06
C LYS A 615 -3.55 6.94 9.78
N LEU A 616 -3.28 6.51 8.55
CA LEU A 616 -3.57 5.15 8.12
C LEU A 616 -2.88 4.11 8.99
N THR A 617 -1.64 4.39 9.35
CA THR A 617 -0.92 3.43 10.17
C THR A 617 -1.55 3.29 11.55
N ALA A 618 -2.07 4.40 12.07
CA ALA A 618 -2.72 4.35 13.37
C ALA A 618 -4.05 3.58 13.28
N ASN A 619 -4.82 3.84 12.23
CA ASN A 619 -6.10 3.14 12.06
C ASN A 619 -5.91 1.67 11.76
N SER A 620 -4.90 1.33 10.95
CA SER A 620 -4.63 -0.08 10.68
C SER A 620 -4.29 -0.78 11.99
N MET A 621 -3.73 -0.04 12.94
CA MET A 621 -3.40 -0.65 14.21
C MET A 621 -4.68 -1.08 14.89
N TYR A 622 -5.72 -0.28 14.75
CA TYR A 622 -7.04 -0.60 15.32
C TYR A 622 -7.59 -1.77 14.52
N GLY A 623 -7.60 -1.62 13.20
CA GLY A 623 -8.11 -2.64 12.31
C GLY A 623 -7.54 -4.03 12.50
N CYS A 624 -6.23 -4.16 12.59
CA CYS A 624 -5.65 -5.49 12.75
C CYS A 624 -6.20 -6.19 13.96
N LEU A 625 -6.73 -5.43 14.92
CA LEU A 625 -7.32 -6.03 16.12
C LEU A 625 -8.48 -6.91 15.69
N GLY A 626 -9.17 -6.45 14.64
CA GLY A 626 -10.31 -7.19 14.14
C GLY A 626 -10.01 -7.96 12.87
N PHE A 627 -8.74 -8.24 12.63
CA PHE A 627 -8.33 -8.97 11.44
C PHE A 627 -8.10 -10.44 11.77
N SER A 628 -9.11 -11.27 11.49
CA SER A 628 -9.08 -12.70 11.77
C SER A 628 -7.72 -13.36 11.58
N TYR A 629 -7.07 -13.06 10.45
CA TYR A 629 -5.77 -13.66 10.18
C TYR A 629 -4.59 -13.00 10.89
N SER A 630 -4.84 -11.91 11.60
CA SER A 630 -3.77 -11.23 12.30
C SER A 630 -3.21 -12.07 13.44
N ARG A 631 -1.92 -11.92 13.67
CA ARG A 631 -1.19 -12.62 14.71
C ARG A 631 -1.60 -12.08 16.07
N PHE A 632 -2.13 -10.87 16.07
CA PHE A 632 -2.58 -10.25 17.32
C PHE A 632 -4.07 -9.99 17.24
N TYR A 633 -4.79 -10.96 16.69
CA TYR A 633 -6.23 -10.88 16.54
C TYR A 633 -6.86 -10.87 17.92
N ALA A 634 -7.79 -9.94 18.12
CA ALA A 634 -8.47 -9.79 19.40
C ALA A 634 -9.75 -9.03 19.12
N LYS A 635 -10.69 -9.71 18.47
CA LYS A 635 -11.96 -9.11 18.10
C LYS A 635 -12.63 -8.29 19.20
N PRO A 636 -12.73 -8.84 20.43
CA PRO A 636 -13.36 -8.11 21.54
C PRO A 636 -12.87 -6.66 21.66
N LEU A 637 -11.56 -6.48 21.54
CA LEU A 637 -10.97 -5.16 21.62
C LEU A 637 -11.49 -4.24 20.51
N ALA A 638 -11.52 -4.75 19.29
CA ALA A 638 -12.02 -3.98 18.16
C ALA A 638 -13.44 -3.54 18.48
N ALA A 639 -14.26 -4.53 18.84
CA ALA A 639 -15.66 -4.33 19.17
C ALA A 639 -15.88 -3.30 20.28
N LEU A 640 -15.02 -3.35 21.30
CA LEU A 640 -15.12 -2.40 22.40
C LEU A 640 -14.72 -1.00 21.94
N VAL A 641 -13.81 -0.89 20.97
CA VAL A 641 -13.41 0.41 20.51
C VAL A 641 -14.52 1.06 19.71
N THR A 642 -15.08 0.35 18.74
CA THR A 642 -16.14 0.91 17.91
C THR A 642 -17.39 1.21 18.72
N TYR A 643 -17.58 0.44 19.78
CA TYR A 643 -18.71 0.65 20.66
C TYR A 643 -18.64 2.05 21.25
N LYS A 644 -17.55 2.35 21.95
CA LYS A 644 -17.37 3.64 22.58
C LYS A 644 -17.49 4.79 21.59
N GLY A 645 -17.20 4.49 20.33
CA GLY A 645 -17.26 5.49 19.29
C GLY A 645 -18.69 5.88 18.98
N ARG A 646 -19.53 4.89 18.72
CA ARG A 646 -20.93 5.13 18.43
C ARG A 646 -21.54 5.83 19.65
N GLU A 647 -21.15 5.37 20.85
CA GLU A 647 -21.65 5.98 22.07
C GLU A 647 -21.26 7.46 22.14
N ILE A 648 -20.02 7.75 21.80
CA ILE A 648 -19.53 9.12 21.82
C ILE A 648 -20.19 9.98 20.76
N LEU A 649 -20.46 9.41 19.58
CA LEU A 649 -21.10 10.17 18.52
C LEU A 649 -22.52 10.50 18.92
N MET A 650 -23.18 9.54 19.56
CA MET A 650 -24.54 9.74 20.04
C MET A 650 -24.55 10.93 20.99
N HIS A 651 -23.76 10.85 22.06
CA HIS A 651 -23.70 11.93 23.04
C HIS A 651 -23.32 13.26 22.42
N THR A 652 -22.50 13.26 21.39
CA THR A 652 -22.11 14.52 20.79
C THR A 652 -23.29 15.11 20.04
N LYS A 653 -24.09 14.25 19.42
CA LYS A 653 -25.26 14.72 18.68
C LYS A 653 -26.26 15.32 19.68
N GLU A 654 -26.69 14.51 20.64
CA GLU A 654 -27.64 14.93 21.66
C GLU A 654 -27.26 16.25 22.31
N MET A 655 -25.98 16.43 22.56
CA MET A 655 -25.49 17.65 23.17
C MET A 655 -25.66 18.85 22.24
N VAL A 656 -25.24 18.70 20.98
CA VAL A 656 -25.38 19.79 20.02
C VAL A 656 -26.84 20.18 19.87
N GLN A 657 -27.73 19.21 20.09
CA GLN A 657 -29.15 19.44 19.99
C GLN A 657 -29.68 20.19 21.19
N LYS A 658 -29.24 19.79 22.39
CA LYS A 658 -29.68 20.49 23.59
C LYS A 658 -29.32 21.97 23.46
N MET A 659 -28.22 22.26 22.79
CA MET A 659 -27.80 23.64 22.59
C MET A 659 -28.74 24.30 21.59
N ASN A 660 -29.81 23.60 21.23
CA ASN A 660 -30.80 24.08 20.26
C ASN A 660 -30.14 24.35 18.94
N LEU A 661 -29.37 23.37 18.46
CA LEU A 661 -28.69 23.49 17.18
C LEU A 661 -29.21 22.39 16.28
N GLU A 662 -29.24 22.67 14.99
CA GLU A 662 -29.73 21.69 14.02
C GLU A 662 -28.67 20.78 13.42
N VAL A 663 -28.75 19.51 13.79
CA VAL A 663 -27.84 18.47 13.31
C VAL A 663 -28.41 17.76 12.09
N ILE A 664 -27.88 18.12 10.92
CA ILE A 664 -28.34 17.54 9.67
C ILE A 664 -27.63 16.27 9.21
N TYR A 665 -26.48 15.95 9.79
CA TYR A 665 -25.73 14.75 9.38
C TYR A 665 -24.62 14.37 10.35
N GLY A 666 -24.09 13.16 10.19
CA GLY A 666 -23.01 12.71 11.05
C GLY A 666 -22.45 11.37 10.61
N ASP A 667 -21.12 11.24 10.54
CA ASP A 667 -20.49 9.98 10.11
C ASP A 667 -19.33 9.50 11.01
N THR A 668 -19.61 8.52 11.87
CA THR A 668 -18.64 7.94 12.79
C THR A 668 -18.06 8.89 13.84
N ASP A 669 -17.41 9.96 13.40
CA ASP A 669 -16.79 10.91 14.32
C ASP A 669 -17.04 12.36 13.91
N SER A 670 -18.11 12.60 13.15
CA SER A 670 -18.40 13.97 12.73
C SER A 670 -19.84 14.37 12.96
N ILE A 671 -20.05 15.67 12.92
CA ILE A 671 -21.38 16.25 13.11
C ILE A 671 -21.45 17.40 12.14
N MET A 672 -22.59 17.51 11.46
CA MET A 672 -22.80 18.60 10.54
C MET A 672 -23.95 19.41 11.16
N ILE A 673 -23.77 20.72 11.20
CA ILE A 673 -24.77 21.60 11.79
C ILE A 673 -25.19 22.68 10.83
N ASN A 674 -26.50 22.92 10.77
CA ASN A 674 -27.02 23.99 9.94
C ASN A 674 -27.16 25.16 10.89
N THR A 675 -26.26 26.12 10.74
CA THR A 675 -26.23 27.31 11.58
C THR A 675 -27.38 28.24 11.22
N ASN A 676 -27.81 28.15 9.96
CA ASN A 676 -28.90 28.96 9.46
C ASN A 676 -28.43 30.42 9.43
N SER A 677 -27.18 30.62 9.80
CA SER A 677 -26.60 31.95 9.83
C SER A 677 -25.96 32.29 8.49
N THR A 678 -25.71 33.58 8.31
CA THR A 678 -25.08 34.07 7.09
C THR A 678 -23.86 34.86 7.53
N ASN A 679 -23.69 34.99 8.84
CA ASN A 679 -22.57 35.71 9.42
C ASN A 679 -21.45 34.71 9.70
N LEU A 680 -20.41 34.75 8.89
CA LEU A 680 -19.30 33.83 9.06
C LEU A 680 -18.61 33.94 10.42
N GLU A 681 -18.15 35.14 10.76
CA GLU A 681 -17.46 35.37 12.02
C GLU A 681 -18.27 34.79 13.18
N GLU A 682 -19.58 34.91 13.09
CA GLU A 682 -20.49 34.41 14.12
C GLU A 682 -20.54 32.90 14.14
N VAL A 683 -20.46 32.29 12.96
CA VAL A 683 -20.46 30.85 12.80
C VAL A 683 -19.23 30.29 13.50
N PHE A 684 -18.06 30.80 13.12
CA PHE A 684 -16.79 30.39 13.71
C PHE A 684 -16.86 30.48 15.23
N LYS A 685 -17.51 31.53 15.73
CA LYS A 685 -17.64 31.71 17.17
C LYS A 685 -18.49 30.57 17.73
N LEU A 686 -19.57 30.26 17.04
CA LEU A 686 -20.44 29.18 17.48
C LEU A 686 -19.67 27.88 17.42
N GLY A 687 -18.81 27.76 16.40
CA GLY A 687 -18.01 26.56 16.22
C GLY A 687 -17.12 26.28 17.42
N ASN A 688 -16.24 27.24 17.70
CA ASN A 688 -15.31 27.10 18.81
C ASN A 688 -16.08 26.97 20.11
N LYS A 689 -17.29 27.50 20.11
CA LYS A 689 -18.16 27.44 21.29
C LYS A 689 -18.59 26.00 21.56
N VAL A 690 -19.01 25.31 20.50
CA VAL A 690 -19.45 23.90 20.58
C VAL A 690 -18.27 22.99 20.81
N LYS A 691 -17.14 23.34 20.21
CA LYS A 691 -15.91 22.59 20.37
C LYS A 691 -15.61 22.51 21.86
N SER A 692 -15.49 23.69 22.48
CA SER A 692 -15.21 23.83 23.89
C SER A 692 -16.12 23.00 24.78
N GLU A 693 -17.40 23.01 24.45
CA GLU A 693 -18.37 22.26 25.22
C GLU A 693 -18.19 20.76 25.13
N VAL A 694 -17.63 20.30 24.01
CA VAL A 694 -17.42 18.88 23.81
C VAL A 694 -16.13 18.42 24.48
N ASN A 695 -15.00 19.00 24.08
CA ASN A 695 -13.71 18.62 24.63
C ASN A 695 -13.70 18.56 26.15
N LYS A 696 -14.53 19.40 26.74
CA LYS A 696 -14.68 19.51 28.18
C LYS A 696 -15.04 18.20 28.87
N LEU A 697 -15.48 17.19 28.12
CA LEU A 697 -15.88 15.95 28.77
C LEU A 697 -14.86 14.83 28.70
N TYR A 698 -13.73 15.08 28.02
CA TYR A 698 -12.72 14.04 27.84
C TYR A 698 -11.30 14.41 28.22
N LYS A 699 -10.52 13.42 28.66
CA LYS A 699 -9.13 13.62 29.03
C LYS A 699 -8.26 13.85 27.79
N LEU A 700 -8.37 12.96 26.78
CA LEU A 700 -7.58 13.07 25.54
C LEU A 700 -8.37 13.45 24.30
N LEU A 701 -9.55 12.86 24.16
CA LEU A 701 -10.44 13.09 23.04
C LEU A 701 -10.67 14.57 22.73
N GLU A 702 -10.46 14.99 21.49
CA GLU A 702 -10.64 16.39 21.10
C GLU A 702 -11.35 16.59 19.76
N ILE A 703 -12.50 17.27 19.76
CA ILE A 703 -13.22 17.52 18.53
C ILE A 703 -12.82 18.88 17.97
N ASP A 704 -12.93 19.06 16.67
CA ASP A 704 -12.55 20.33 16.06
C ASP A 704 -13.38 20.73 14.84
N ILE A 705 -13.20 21.97 14.38
CA ILE A 705 -13.92 22.49 13.25
C ILE A 705 -13.23 21.99 11.99
N ASP A 706 -13.77 20.95 11.37
CA ASP A 706 -13.16 20.40 10.16
C ASP A 706 -13.41 21.30 8.95
N GLY A 707 -14.50 22.04 8.98
CA GLY A 707 -14.77 22.92 7.86
C GLY A 707 -16.07 23.66 8.03
N VAL A 708 -16.31 24.60 7.13
CA VAL A 708 -17.52 25.40 7.12
C VAL A 708 -17.89 25.50 5.66
N PHE A 709 -19.15 25.20 5.33
CA PHE A 709 -19.57 25.24 3.93
C PHE A 709 -20.48 26.44 3.64
N LYS A 710 -20.29 27.05 2.48
CA LYS A 710 -21.10 28.20 2.05
C LYS A 710 -22.47 27.69 1.60
N SER A 711 -22.48 26.57 0.89
CA SER A 711 -23.70 25.95 0.42
C SER A 711 -23.45 24.46 0.45
N LEU A 712 -24.50 23.68 0.67
CA LEU A 712 -24.30 22.24 0.75
C LEU A 712 -25.43 21.42 0.12
N LEU A 713 -25.07 20.49 -0.76
CA LEU A 713 -26.08 19.62 -1.35
C LEU A 713 -25.92 18.25 -0.67
N LEU A 714 -26.80 17.93 0.27
CA LEU A 714 -26.71 16.63 0.95
C LEU A 714 -27.70 15.64 0.33
N LEU A 715 -27.18 14.65 -0.41
CA LEU A 715 -27.98 13.64 -1.12
C LEU A 715 -28.38 12.39 -0.34
N LYS A 716 -27.39 11.76 0.27
CA LYS A 716 -27.60 10.53 1.04
C LYS A 716 -26.44 10.35 2.00
N LYS A 717 -26.52 9.33 2.85
CA LYS A 717 -25.43 9.02 3.76
C LYS A 717 -24.11 8.91 2.96
N LYS A 718 -23.05 9.50 3.48
CA LYS A 718 -21.75 9.44 2.83
C LYS A 718 -21.79 9.99 1.40
N LYS A 719 -22.77 10.84 1.09
CA LYS A 719 -22.87 11.44 -0.23
C LYS A 719 -23.34 12.89 -0.19
N TYR A 720 -22.43 13.81 -0.53
CA TYR A 720 -22.78 15.22 -0.57
C TYR A 720 -21.76 16.02 -1.38
N ALA A 721 -22.10 17.27 -1.67
CA ALA A 721 -21.24 18.17 -2.43
C ALA A 721 -21.28 19.48 -1.66
N ALA A 722 -20.26 20.31 -1.81
CA ALA A 722 -20.27 21.55 -1.07
C ALA A 722 -19.23 22.55 -1.52
N LEU A 723 -19.51 23.83 -1.25
CA LEU A 723 -18.56 24.90 -1.52
C LEU A 723 -17.96 25.12 -0.16
N VAL A 724 -16.65 24.89 -0.05
CA VAL A 724 -15.98 25.02 1.24
C VAL A 724 -15.30 26.35 1.46
N VAL A 725 -15.57 26.94 2.64
CA VAL A 725 -15.01 28.24 3.00
C VAL A 725 -13.54 28.18 3.33
N GLU A 726 -12.79 29.08 2.71
CA GLU A 726 -11.35 29.19 2.92
C GLU A 726 -11.04 30.64 3.24
N PRO A 727 -10.98 31.01 4.51
CA PRO A 727 -10.70 32.40 4.92
C PRO A 727 -9.39 32.97 4.42
N THR A 728 -9.38 34.29 4.20
CA THR A 728 -8.19 35.03 3.72
C THR A 728 -7.80 36.17 4.66
N SER A 729 -8.24 37.39 4.36
CA SER A 729 -7.93 38.57 5.18
C SER A 729 -9.24 39.31 5.46
N ASP A 730 -9.32 39.99 6.61
CA ASP A 730 -10.52 40.76 6.98
C ASP A 730 -11.85 39.97 6.93
N GLY A 731 -11.87 38.77 7.49
CA GLY A 731 -13.09 37.98 7.47
C GLY A 731 -13.52 37.60 6.07
N ASN A 732 -12.68 37.95 5.09
CA ASN A 732 -12.97 37.61 3.69
C ASN A 732 -12.54 36.18 3.44
N TYR A 733 -13.11 35.56 2.41
CA TYR A 733 -12.80 34.19 2.09
C TYR A 733 -12.99 33.81 0.62
N VAL A 734 -12.32 32.74 0.23
CA VAL A 734 -12.43 32.20 -1.12
C VAL A 734 -13.24 30.92 -0.88
N THR A 735 -13.75 30.31 -1.93
CA THR A 735 -14.54 29.11 -1.75
C THR A 735 -14.05 28.06 -2.72
N LYS A 736 -14.05 26.81 -2.27
CA LYS A 736 -13.61 25.71 -3.10
C LYS A 736 -14.63 24.58 -3.03
N GLN A 737 -14.95 24.00 -4.19
CA GLN A 737 -15.93 22.90 -4.22
C GLN A 737 -15.31 21.58 -3.82
N GLU A 738 -16.06 20.80 -3.04
CA GLU A 738 -15.59 19.50 -2.58
C GLU A 738 -16.68 18.44 -2.71
N LEU A 739 -16.32 17.28 -3.27
CA LEU A 739 -17.25 16.16 -3.46
C LEU A 739 -16.98 14.98 -2.54
N LYS A 740 -18.04 14.31 -2.11
CA LYS A 740 -17.92 13.17 -1.23
C LYS A 740 -18.90 12.08 -1.65
N GLY A 741 -18.38 10.97 -2.17
CA GLY A 741 -19.22 9.85 -2.55
C GLY A 741 -20.13 9.95 -3.76
N LEU A 742 -20.24 11.14 -4.35
CA LEU A 742 -21.10 11.25 -5.51
C LEU A 742 -20.59 10.31 -6.60
N ASP A 743 -21.38 10.11 -7.64
CA ASP A 743 -20.97 9.26 -8.74
C ASP A 743 -19.85 9.96 -9.49
N ILE A 744 -19.92 11.27 -9.59
CA ILE A 744 -18.87 12.02 -10.26
C ILE A 744 -17.47 11.58 -9.80
N VAL A 745 -17.33 11.18 -8.53
CA VAL A 745 -16.01 10.80 -8.01
C VAL A 745 -15.57 9.36 -8.29
N ARG A 746 -16.49 8.52 -8.70
CA ARG A 746 -16.18 7.12 -8.98
C ARG A 746 -15.57 6.85 -10.36
N ARG A 747 -14.83 5.74 -10.45
CA ARG A 747 -14.15 5.34 -11.67
C ARG A 747 -15.05 4.62 -12.68
N ASP A 748 -16.13 4.01 -12.19
CA ASP A 748 -17.02 3.26 -13.08
C ASP A 748 -18.21 4.01 -13.67
N TRP A 749 -17.96 5.21 -14.19
CA TRP A 749 -18.97 6.03 -14.85
C TRP A 749 -18.14 6.84 -15.81
N CYS A 750 -18.48 6.80 -17.09
CA CYS A 750 -17.71 7.55 -18.08
C CYS A 750 -17.55 9.04 -17.74
N ASP A 751 -16.50 9.65 -18.27
CA ASP A 751 -16.26 11.05 -18.01
C ASP A 751 -17.41 11.90 -18.52
N LEU A 752 -18.02 11.46 -19.62
CA LEU A 752 -19.15 12.18 -20.19
C LEU A 752 -20.25 12.35 -19.14
N ALA A 753 -20.49 11.29 -18.38
CA ALA A 753 -21.51 11.34 -17.35
C ALA A 753 -21.00 12.16 -16.20
N LYS A 754 -19.75 11.92 -15.82
CA LYS A 754 -19.17 12.63 -14.70
C LYS A 754 -18.98 14.13 -14.94
N ASP A 755 -18.49 14.53 -16.12
CA ASP A 755 -18.30 15.94 -16.39
C ASP A 755 -19.62 16.70 -16.38
N THR A 756 -20.66 16.06 -16.90
CA THR A 756 -21.99 16.66 -16.95
C THR A 756 -22.52 16.77 -15.52
N GLY A 757 -22.34 15.71 -14.76
CA GLY A 757 -22.79 15.68 -13.38
C GLY A 757 -22.12 16.77 -12.55
N ASN A 758 -20.86 17.07 -12.85
CA ASN A 758 -20.12 18.10 -12.14
C ASN A 758 -20.67 19.46 -12.52
N PHE A 759 -21.09 19.61 -13.77
CA PHE A 759 -21.67 20.87 -14.26
C PHE A 759 -22.92 21.17 -13.44
N VAL A 760 -23.77 20.15 -13.32
CA VAL A 760 -25.00 20.29 -12.56
C VAL A 760 -24.67 20.75 -11.14
N ILE A 761 -23.70 20.10 -10.50
CA ILE A 761 -23.35 20.46 -9.13
C ILE A 761 -22.87 21.90 -9.10
N GLY A 762 -21.98 22.24 -10.04
CA GLY A 762 -21.45 23.58 -10.10
C GLY A 762 -22.57 24.59 -10.03
N GLN A 763 -23.61 24.37 -10.82
CA GLN A 763 -24.78 25.24 -10.87
C GLN A 763 -25.57 25.23 -9.56
N ILE A 764 -25.90 24.04 -9.08
CA ILE A 764 -26.66 23.90 -7.86
C ILE A 764 -26.10 24.67 -6.68
N LEU A 765 -24.81 24.53 -6.42
CA LEU A 765 -24.15 25.21 -5.30
C LEU A 765 -23.93 26.72 -5.53
N SER A 766 -24.24 27.17 -6.74
CA SER A 766 -24.09 28.56 -7.17
C SER A 766 -24.85 29.60 -6.33
N ASP A 767 -24.72 30.87 -6.75
CA ASP A 767 -25.39 32.02 -6.13
C ASP A 767 -26.72 32.23 -6.85
N GLN A 768 -26.69 32.09 -8.16
CA GLN A 768 -27.87 32.25 -9.02
C GLN A 768 -29.17 31.74 -8.38
N SER A 769 -30.29 32.37 -8.75
CA SER A 769 -31.59 31.98 -8.19
C SER A 769 -31.92 30.60 -8.70
N ARG A 770 -32.73 29.86 -7.94
CA ARG A 770 -33.09 28.51 -8.36
C ARG A 770 -33.51 28.48 -9.82
N ASP A 771 -34.26 29.51 -10.22
CA ASP A 771 -34.74 29.62 -11.60
C ASP A 771 -33.62 29.71 -12.61
N THR A 772 -32.78 30.73 -12.50
CA THR A 772 -31.68 30.89 -13.44
C THR A 772 -30.98 29.54 -13.62
N ILE A 773 -30.76 28.85 -12.51
CA ILE A 773 -30.09 27.55 -12.50
C ILE A 773 -30.82 26.47 -13.30
N VAL A 774 -32.00 26.08 -12.85
CA VAL A 774 -32.77 25.06 -13.53
C VAL A 774 -32.74 25.31 -15.03
N GLU A 775 -32.74 26.57 -15.43
CA GLU A 775 -32.68 26.89 -16.85
C GLU A 775 -31.31 26.49 -17.44
N ASN A 776 -30.25 26.99 -16.82
CA ASN A 776 -28.90 26.68 -17.28
C ASN A 776 -28.68 25.18 -17.40
N ILE A 777 -29.14 24.45 -16.39
CA ILE A 777 -29.03 22.99 -16.39
C ILE A 777 -29.67 22.42 -17.65
N GLN A 778 -30.96 22.72 -17.83
CA GLN A 778 -31.71 22.24 -18.99
C GLN A 778 -31.00 22.64 -20.26
N LYS A 779 -30.55 23.89 -20.31
CA LYS A 779 -29.84 24.42 -21.45
C LYS A 779 -28.64 23.53 -21.75
N ARG A 780 -27.89 23.21 -20.71
CA ARG A 780 -26.71 22.39 -20.88
C ARG A 780 -26.99 20.96 -21.33
N LEU A 781 -27.80 20.23 -20.57
CA LEU A 781 -28.10 18.85 -20.94
C LEU A 781 -28.62 18.71 -22.34
N ILE A 782 -29.59 19.54 -22.72
CA ILE A 782 -30.13 19.45 -24.08
C ILE A 782 -28.99 19.49 -25.08
N GLU A 783 -27.99 20.33 -24.81
CA GLU A 783 -26.82 20.42 -25.69
C GLU A 783 -26.04 19.11 -25.65
N ILE A 784 -25.80 18.60 -24.44
CA ILE A 784 -25.06 17.34 -24.28
C ILE A 784 -25.70 16.26 -25.13
N GLY A 785 -27.02 16.16 -25.03
CA GLY A 785 -27.76 15.18 -25.79
C GLY A 785 -27.50 15.30 -27.28
N GLU A 786 -27.54 16.52 -27.80
CA GLU A 786 -27.30 16.74 -29.22
C GLU A 786 -25.90 16.29 -29.61
N ASN A 787 -24.90 16.71 -28.83
CA ASN A 787 -23.50 16.36 -29.10
C ASN A 787 -23.22 14.86 -29.08
N VAL A 788 -23.82 14.14 -28.14
CA VAL A 788 -23.62 12.70 -28.06
C VAL A 788 -24.13 12.03 -29.33
N LEU A 789 -25.18 12.61 -29.92
CA LEU A 789 -25.79 12.05 -31.13
C LEU A 789 -25.09 12.47 -32.41
N ASN A 790 -24.71 13.73 -32.51
CA ASN A 790 -24.03 14.23 -33.70
C ASN A 790 -22.56 13.79 -33.70
N GLY A 791 -22.20 12.91 -32.77
CA GLY A 791 -20.84 12.40 -32.66
C GLY A 791 -19.77 13.46 -32.45
N SER A 792 -20.08 14.50 -31.66
CA SER A 792 -19.13 15.58 -31.38
C SER A 792 -18.30 15.26 -30.15
N VAL A 793 -18.69 14.21 -29.44
CA VAL A 793 -17.99 13.83 -28.22
C VAL A 793 -16.76 12.95 -28.40
N PRO A 794 -15.62 13.38 -27.82
CA PRO A 794 -14.34 12.65 -27.89
C PRO A 794 -14.50 11.23 -27.37
N VAL A 795 -14.22 10.26 -28.22
CA VAL A 795 -14.35 8.85 -27.87
C VAL A 795 -13.85 8.45 -26.47
N SER A 796 -12.90 9.18 -25.92
CA SER A 796 -12.38 8.83 -24.61
C SER A 796 -13.40 9.03 -23.49
N GLN A 797 -14.20 10.08 -23.59
CA GLN A 797 -15.18 10.37 -22.55
C GLN A 797 -16.21 9.28 -22.43
N PHE A 798 -16.16 8.31 -23.35
CA PHE A 798 -17.09 7.18 -23.34
C PHE A 798 -16.54 5.99 -22.60
N GLU A 799 -15.25 6.03 -22.26
CA GLU A 799 -14.65 4.92 -21.56
C GLU A 799 -15.15 4.79 -20.12
N ILE A 800 -15.40 3.55 -19.72
CA ILE A 800 -15.87 3.21 -18.39
C ILE A 800 -14.78 2.33 -17.76
N ASN A 801 -14.38 2.61 -16.53
CA ASN A 801 -13.34 1.82 -15.88
C ASN A 801 -13.80 1.03 -14.68
N LYS A 802 -13.34 -0.21 -14.57
CA LYS A 802 -13.68 -1.09 -13.45
C LYS A 802 -12.50 -2.00 -13.16
N ALA A 803 -12.17 -2.15 -11.89
CA ALA A 803 -11.05 -3.00 -11.51
C ALA A 803 -11.53 -4.44 -11.30
N LEU A 804 -10.70 -5.42 -11.64
CA LEU A 804 -11.12 -6.81 -11.45
C LEU A 804 -10.74 -7.28 -10.04
N THR A 805 -11.71 -7.85 -9.33
CA THR A 805 -11.45 -8.36 -8.00
C THR A 805 -10.60 -9.62 -8.10
N LYS A 806 -10.83 -10.40 -9.16
CA LYS A 806 -10.11 -11.64 -9.39
C LYS A 806 -9.47 -11.61 -10.79
N ASP A 807 -8.72 -12.65 -11.15
CA ASP A 807 -8.10 -12.73 -12.47
C ASP A 807 -9.25 -13.07 -13.41
N PRO A 808 -9.28 -12.48 -14.61
CA PRO A 808 -10.37 -12.76 -15.55
C PRO A 808 -10.80 -14.22 -15.78
N GLN A 809 -9.90 -15.17 -15.53
CA GLN A 809 -10.21 -16.59 -15.73
C GLN A 809 -10.96 -17.22 -14.56
N ASP A 810 -11.02 -16.51 -13.44
CA ASP A 810 -11.67 -17.03 -12.25
C ASP A 810 -13.14 -16.64 -12.09
N TYR A 811 -13.71 -15.95 -13.08
CA TYR A 811 -15.12 -15.57 -13.00
C TYR A 811 -16.00 -16.56 -13.75
N PRO A 812 -17.02 -17.10 -13.08
CA PRO A 812 -17.93 -18.06 -13.70
C PRO A 812 -18.98 -17.42 -14.61
N ASP A 813 -19.65 -16.39 -14.10
CA ASP A 813 -20.71 -15.68 -14.83
C ASP A 813 -20.17 -14.74 -15.92
N LYS A 814 -18.86 -14.87 -16.21
CA LYS A 814 -18.16 -14.06 -17.21
C LYS A 814 -19.01 -13.17 -18.12
N LYS A 815 -19.17 -13.60 -19.37
CA LYS A 815 -19.92 -12.91 -20.43
C LYS A 815 -20.78 -11.67 -20.11
N SER A 816 -21.52 -11.70 -19.00
CA SER A 816 -22.38 -10.56 -18.63
C SER A 816 -21.72 -9.45 -17.79
N LEU A 817 -20.41 -9.55 -17.60
CA LEU A 817 -19.65 -8.57 -16.85
C LEU A 817 -18.73 -7.90 -17.84
N PRO A 818 -19.10 -6.71 -18.33
CA PRO A 818 -18.31 -5.95 -19.31
C PRO A 818 -16.81 -5.83 -19.06
N HIS A 819 -16.39 -5.61 -17.81
CA HIS A 819 -14.96 -5.47 -17.54
C HIS A 819 -14.24 -6.82 -17.64
N VAL A 820 -14.87 -7.89 -17.14
CA VAL A 820 -14.27 -9.23 -17.20
C VAL A 820 -14.12 -9.67 -18.66
N HIS A 821 -15.13 -9.36 -19.46
CA HIS A 821 -15.16 -9.71 -20.87
C HIS A 821 -14.02 -9.03 -21.62
N VAL A 822 -13.93 -7.71 -21.52
CA VAL A 822 -12.88 -7.00 -22.24
C VAL A 822 -11.47 -7.35 -21.77
N ALA A 823 -11.33 -7.86 -20.56
CA ALA A 823 -10.01 -8.23 -20.05
C ALA A 823 -9.64 -9.54 -20.74
N LEU A 824 -10.57 -10.50 -20.76
CA LEU A 824 -10.34 -11.79 -21.39
C LEU A 824 -9.87 -11.60 -22.80
N TRP A 825 -10.37 -10.57 -23.47
CA TRP A 825 -9.94 -10.28 -24.82
C TRP A 825 -8.50 -9.78 -24.80
N ILE A 826 -8.28 -8.61 -24.21
CA ILE A 826 -6.94 -8.05 -24.11
C ILE A 826 -5.92 -9.14 -23.79
N ASN A 827 -6.25 -9.98 -22.81
CA ASN A 827 -5.37 -11.08 -22.39
C ASN A 827 -5.03 -12.01 -23.54
N SER A 828 -6.02 -12.81 -23.91
CA SER A 828 -5.90 -13.79 -24.98
C SER A 828 -5.62 -13.18 -26.34
N GLN A 829 -5.41 -11.87 -26.40
CA GLN A 829 -5.18 -11.27 -27.69
C GLN A 829 -3.75 -10.81 -27.96
N GLY A 830 -3.05 -10.28 -26.96
CA GLY A 830 -1.69 -9.83 -27.22
C GLY A 830 -0.68 -10.05 -26.12
N GLY A 831 0.16 -9.03 -25.91
CA GLY A 831 1.20 -9.08 -24.90
C GLY A 831 0.75 -9.00 -23.46
N ARG A 832 0.88 -7.80 -22.85
CA ARG A 832 0.48 -7.59 -21.46
C ARG A 832 -0.79 -8.32 -21.10
N LYS A 833 -0.91 -8.71 -19.83
CA LYS A 833 -2.09 -9.42 -19.39
C LYS A 833 -2.65 -8.85 -18.11
N VAL A 834 -3.95 -8.58 -18.14
CA VAL A 834 -4.68 -8.01 -17.03
C VAL A 834 -4.98 -9.06 -15.97
N LYS A 835 -4.62 -8.76 -14.73
CA LYS A 835 -4.87 -9.68 -13.62
C LYS A 835 -5.62 -8.98 -12.47
N ALA A 836 -5.96 -9.74 -11.44
CA ALA A 836 -6.68 -9.17 -10.30
C ALA A 836 -5.99 -7.89 -9.78
N GLY A 837 -6.77 -6.84 -9.61
CA GLY A 837 -6.22 -5.59 -9.12
C GLY A 837 -6.09 -4.54 -10.19
N ASP A 838 -6.08 -4.97 -11.46
CA ASP A 838 -5.97 -4.05 -12.58
C ASP A 838 -7.35 -3.49 -12.92
N THR A 839 -7.37 -2.28 -13.43
CA THR A 839 -8.63 -1.68 -13.83
C THR A 839 -8.71 -1.87 -15.33
N VAL A 840 -9.90 -2.22 -15.81
CA VAL A 840 -10.10 -2.42 -17.23
C VAL A 840 -10.91 -1.26 -17.78
N SER A 841 -10.52 -0.80 -18.96
CA SER A 841 -11.21 0.30 -19.60
C SER A 841 -12.03 -0.29 -20.75
N TYR A 842 -13.28 0.14 -20.88
CA TYR A 842 -14.14 -0.35 -21.96
C TYR A 842 -15.25 0.63 -22.31
N VAL A 843 -15.87 0.41 -23.47
CA VAL A 843 -16.96 1.24 -23.96
C VAL A 843 -18.05 0.32 -24.46
N ILE A 844 -19.28 0.78 -24.47
CA ILE A 844 -20.40 -0.03 -24.93
C ILE A 844 -20.73 0.26 -26.37
N CYS A 845 -20.69 -0.78 -27.19
CA CYS A 845 -20.92 -0.64 -28.61
C CYS A 845 -22.17 -1.26 -29.20
N GLN A 846 -22.44 -0.82 -30.42
CA GLN A 846 -23.54 -1.31 -31.23
C GLN A 846 -22.88 -2.40 -32.06
N ASP A 847 -23.20 -3.64 -31.75
CA ASP A 847 -22.66 -4.81 -32.44
C ASP A 847 -23.46 -5.08 -33.69
N GLY A 848 -24.77 -5.05 -33.50
CA GLY A 848 -25.71 -5.36 -34.55
C GLY A 848 -25.98 -6.80 -34.17
N SER A 849 -25.92 -7.06 -32.87
CA SER A 849 -26.10 -8.40 -32.32
C SER A 849 -27.15 -8.47 -31.21
N ASN A 850 -28.07 -7.52 -31.20
CA ASN A 850 -29.16 -7.46 -30.22
C ASN A 850 -28.91 -8.04 -28.82
N LEU A 851 -27.65 -8.04 -28.37
CA LEU A 851 -27.32 -8.54 -27.04
C LEU A 851 -27.49 -7.40 -26.03
N THR A 852 -27.66 -7.73 -24.74
CA THR A 852 -27.82 -6.68 -23.74
C THR A 852 -26.56 -5.81 -23.71
N ALA A 853 -26.69 -4.58 -23.19
CA ALA A 853 -25.56 -3.66 -23.12
C ALA A 853 -24.39 -4.33 -22.43
N SER A 854 -24.65 -5.00 -21.31
CA SER A 854 -23.60 -5.66 -20.56
C SER A 854 -22.83 -6.69 -21.37
N GLN A 855 -23.40 -7.14 -22.48
CA GLN A 855 -22.74 -8.14 -23.30
C GLN A 855 -22.24 -7.55 -24.62
N ARG A 856 -22.12 -6.23 -24.67
CA ARG A 856 -21.61 -5.56 -25.86
C ARG A 856 -20.50 -4.59 -25.45
N ALA A 857 -19.58 -5.10 -24.63
CA ALA A 857 -18.43 -4.35 -24.11
C ALA A 857 -17.18 -4.60 -24.94
N TYR A 858 -16.49 -3.52 -25.31
CA TYR A 858 -15.29 -3.60 -26.12
C TYR A 858 -14.16 -2.68 -25.66
N ALA A 859 -12.95 -2.95 -26.11
CA ALA A 859 -11.80 -2.11 -25.76
C ALA A 859 -11.91 -0.84 -26.57
N PRO A 860 -11.31 0.25 -26.10
CA PRO A 860 -11.39 1.50 -26.85
C PRO A 860 -10.73 1.41 -28.23
N GLU A 861 -9.67 0.61 -28.34
CA GLU A 861 -8.96 0.43 -29.61
C GLU A 861 -9.76 -0.49 -30.53
N GLN A 862 -10.36 -1.51 -29.93
CA GLN A 862 -11.18 -2.48 -30.63
C GLN A 862 -12.35 -1.78 -31.34
N LEU A 863 -12.69 -0.60 -30.86
CA LEU A 863 -13.78 0.20 -31.42
C LEU A 863 -13.27 1.10 -32.53
N GLN A 864 -12.28 1.92 -32.19
CA GLN A 864 -11.69 2.86 -33.13
C GLN A 864 -11.08 2.13 -34.33
N LYS A 865 -10.70 0.87 -34.14
CA LYS A 865 -10.10 0.06 -35.19
C LYS A 865 -11.12 -0.64 -36.07
N GLN A 866 -12.15 -1.22 -35.45
CA GLN A 866 -13.18 -1.95 -36.16
C GLN A 866 -14.33 -1.07 -36.72
N ASP A 867 -14.92 -1.48 -37.85
CA ASP A 867 -15.99 -0.71 -38.48
C ASP A 867 -17.42 -1.09 -38.12
N ASN A 868 -17.66 -2.37 -37.85
CA ASN A 868 -19.00 -2.82 -37.49
C ASN A 868 -19.36 -2.41 -36.06
N LEU A 869 -18.37 -1.90 -35.34
CA LEU A 869 -18.58 -1.45 -33.97
C LEU A 869 -18.76 0.06 -33.97
N THR A 870 -19.74 0.51 -33.20
CA THR A 870 -20.02 1.93 -33.09
C THR A 870 -20.58 2.20 -31.69
N ILE A 871 -20.38 3.43 -31.19
CA ILE A 871 -20.86 3.77 -29.85
C ILE A 871 -22.38 3.82 -29.71
N ASP A 872 -22.88 3.03 -28.76
CA ASP A 872 -24.30 2.92 -28.45
C ASP A 872 -24.83 4.18 -27.75
N THR A 873 -24.97 5.27 -28.49
CA THR A 873 -25.45 6.52 -27.89
C THR A 873 -26.67 6.33 -26.99
N GLN A 874 -27.54 5.40 -27.35
CA GLN A 874 -28.73 5.14 -26.54
C GLN A 874 -28.31 4.80 -25.13
N TYR A 875 -27.38 3.86 -25.03
CA TYR A 875 -26.87 3.40 -23.74
C TYR A 875 -26.30 4.52 -22.89
N TYR A 876 -25.42 5.33 -23.48
CA TYR A 876 -24.81 6.42 -22.75
C TYR A 876 -25.78 7.49 -22.26
N LEU A 877 -26.81 7.77 -23.05
CA LEU A 877 -27.75 8.79 -22.66
C LEU A 877 -28.68 8.30 -21.58
N ALA A 878 -28.98 7.00 -21.58
CA ALA A 878 -29.91 6.44 -20.63
C ALA A 878 -29.37 5.66 -19.44
N GLN A 879 -28.19 5.07 -19.57
CA GLN A 879 -27.65 4.29 -18.46
C GLN A 879 -26.45 4.98 -17.79
N GLN A 880 -25.96 6.06 -18.40
CA GLN A 880 -24.83 6.78 -17.85
C GLN A 880 -25.20 8.19 -17.44
N ILE A 881 -25.52 9.04 -18.40
CA ILE A 881 -25.84 10.43 -18.10
C ILE A 881 -27.12 10.61 -17.31
N HIS A 882 -28.16 9.89 -17.70
CA HIS A 882 -29.42 10.04 -17.01
C HIS A 882 -29.41 9.72 -15.52
N PRO A 883 -28.90 8.53 -15.14
CA PRO A 883 -28.86 8.11 -13.72
C PRO A 883 -28.09 9.07 -12.82
N VAL A 884 -26.95 9.57 -13.32
CA VAL A 884 -26.13 10.50 -12.56
C VAL A 884 -26.87 11.82 -12.31
N VAL A 885 -27.28 12.50 -13.38
CA VAL A 885 -28.00 13.76 -13.24
C VAL A 885 -29.28 13.61 -12.42
N ALA A 886 -29.96 12.48 -12.57
CA ALA A 886 -31.20 12.24 -11.83
C ALA A 886 -30.94 12.20 -10.33
N ARG A 887 -29.99 11.38 -9.91
CA ARG A 887 -29.65 11.24 -8.49
C ARG A 887 -29.17 12.55 -7.87
N ILE A 888 -28.49 13.37 -8.65
CA ILE A 888 -27.99 14.65 -8.17
C ILE A 888 -29.13 15.63 -7.96
N CYS A 889 -30.02 15.71 -8.95
CA CYS A 889 -31.14 16.64 -8.89
C CYS A 889 -32.27 16.20 -7.99
N GLU A 890 -32.22 14.95 -7.54
CA GLU A 890 -33.25 14.38 -6.70
C GLU A 890 -33.89 15.36 -5.70
N PRO A 891 -33.10 16.23 -5.05
CA PRO A 891 -33.77 17.14 -4.12
C PRO A 891 -34.08 18.52 -4.72
N ILE A 892 -33.57 18.78 -5.91
CA ILE A 892 -33.80 20.06 -6.57
C ILE A 892 -35.22 20.20 -7.12
N ASP A 893 -35.95 21.19 -6.62
CA ASP A 893 -37.31 21.43 -7.08
C ASP A 893 -37.30 22.06 -8.46
N GLY A 894 -38.05 21.45 -9.38
CA GLY A 894 -38.09 21.97 -10.74
C GLY A 894 -37.56 20.92 -11.69
N ILE A 895 -36.52 20.20 -11.27
CA ILE A 895 -35.96 19.13 -12.09
C ILE A 895 -36.56 17.82 -11.63
N ASP A 896 -36.48 16.81 -12.49
CA ASP A 896 -37.02 15.51 -12.13
C ASP A 896 -36.59 14.47 -13.19
N ALA A 897 -36.72 13.19 -12.85
CA ALA A 897 -36.32 12.09 -13.73
C ALA A 897 -36.88 12.12 -15.16
N VAL A 898 -38.20 12.16 -15.28
CA VAL A 898 -38.87 12.20 -16.57
C VAL A 898 -38.39 13.41 -17.38
N LEU A 899 -38.37 14.56 -16.74
CA LEU A 899 -37.92 15.80 -17.38
C LEU A 899 -36.46 15.70 -17.89
N ILE A 900 -35.59 15.07 -17.11
CA ILE A 900 -34.20 14.92 -17.49
C ILE A 900 -34.09 14.02 -18.71
N ALA A 901 -34.99 13.05 -18.82
CA ALA A 901 -34.98 12.14 -19.96
C ALA A 901 -35.40 12.87 -21.23
N THR A 902 -36.36 13.78 -21.13
CA THR A 902 -36.79 14.50 -22.31
C THR A 902 -35.70 15.44 -22.82
N TRP A 903 -34.88 15.98 -21.92
CA TRP A 903 -33.80 16.88 -22.35
C TRP A 903 -32.79 16.10 -23.18
N LEU A 904 -32.54 14.86 -22.78
CA LEU A 904 -31.59 14.00 -23.48
C LEU A 904 -32.28 13.30 -24.64
N GLY A 905 -33.51 13.73 -24.92
CA GLY A 905 -34.24 13.15 -26.04
C GLY A 905 -34.52 11.66 -25.96
N LEU A 906 -34.82 11.16 -24.77
CA LEU A 906 -35.13 9.76 -24.58
C LEU A 906 -36.63 9.64 -24.36
N ASP A 907 -37.17 8.42 -24.49
CA ASP A 907 -38.58 8.22 -24.26
C ASP A 907 -38.77 8.02 -22.76
N PRO A 908 -39.37 9.00 -22.09
CA PRO A 908 -39.66 9.06 -20.65
C PRO A 908 -40.13 7.79 -19.97
N THR A 909 -40.63 6.83 -20.74
CA THR A 909 -41.08 5.59 -20.12
C THR A 909 -39.99 4.52 -20.24
N1 DCP D . -11.28 4.83 10.32
C2 DCP D . -10.65 3.61 10.02
N3 DCP D . -9.97 3.45 8.86
C4 DCP D . -9.88 4.46 7.96
C5 DCP D . -10.51 5.72 8.24
C6 DCP D . -11.20 5.88 9.41
O2 DCP D . -10.71 2.68 10.81
N4 DCP D . -9.19 4.28 6.79
C1' DCP D . -12.01 4.99 11.61
C2' DCP D . -11.02 5.29 12.71
C3' DCP D . -11.05 6.80 12.79
C4' DCP D . -12.56 7.09 12.60
O4' DCP D . -12.94 6.11 11.57
O3' DCP D . -10.63 7.21 14.10
C5' DCP D . -12.83 8.52 12.05
O5' DCP D . -12.40 8.61 10.71
PA DCP D . -11.52 9.93 10.40
O1A DCP D . -12.15 11.14 11.01
O2A DCP D . -11.40 10.13 8.79
O3A DCP D . -10.06 9.59 10.99
PB DCP D . -9.64 10.26 12.39
O1B DCP D . -10.86 11.05 13.11
O2B DCP D . -9.16 9.23 13.31
O3B DCP D . -8.42 11.21 11.95
PG DCP D . -8.77 12.74 11.75
O1G DCP D . -8.14 13.55 12.98
O2G DCP D . -8.19 13.17 10.47
O3G DCP D . -10.35 12.99 11.70
MG MG E . -11.84 12.64 12.97
ZN ZN F . -14.27 11.94 10.25
ZN ZN G . 32.06 1.45 15.81
K K H . -36.36 16.90 -7.79
OH2 1PE I . 35.64 -4.57 2.48
C12 1PE I . 34.76 -4.40 3.64
C22 1PE I . 34.19 -5.76 4.11
OH3 1PE I . 34.68 -6.08 5.43
C13 1PE I . 36.36 -7.69 6.32
C23 1PE I . 35.06 -7.49 5.50
OH4 1PE I . 36.15 -7.34 7.72
C14 1PE I . 37.46 -6.21 9.53
C24 1PE I . 37.44 -7.31 8.42
OH5 1PE I . 37.74 -4.91 8.93
C15 1PE I . 37.92 -2.44 9.28
C25 1PE I . 37.79 -3.86 9.94
OH6 1PE I . 38.42 -2.54 7.92
C16 1PE I . 39.72 -1.49 6.11
C26 1PE I . 39.10 -1.31 7.52
OH7 1PE I . 41.05 -0.70 5.99
S SO4 J . 1.41 0.57 -18.29
O1 SO4 J . 2.87 0.64 -18.40
O2 SO4 J . 0.94 1.50 -17.25
O3 SO4 J . 1.02 -0.81 -17.92
O4 SO4 J . 0.83 0.95 -19.60
ZN ZN K . -20.69 -8.17 -4.27
ZN ZN L . -32.37 -5.17 -11.01
#